data_6ME8
#
_entry.id   6ME8
#
_cell.length_a   68.700
_cell.length_b   145.800
_cell.length_c   77.000
_cell.angle_alpha   90.00
_cell.angle_beta   107.40
_cell.angle_gamma   90.00
#
_symmetry.space_group_name_H-M   'P 1 21 1'
#
loop_
_entity.id
_entity.type
_entity.pdbx_description
1 polymer 'Soluble cytochrome b562,Melatonin receptor type 1B,Rubredoxin'
2 non-polymer N-[2-(5-methoxy-2-phenyl-1H-indol-3-yl)ethyl]acetamide
3 non-polymer 'ZINC ION'
#
_entity_poly.entity_id   1
_entity_poly.type   'polypeptide(L)'
_entity_poly.pdbx_seq_one_letter_code
;ADLEDNWETLNDNLKVIEKADNAAQVKDALTKMRAAALDAQKATPPKLEDKSPDSPEMKDFRHGFDILVGQIDDALKLAN
EGKVKEAQAAAEQLKTTRNAYIQKYLGDGARPSWVAPALSAVLIVTTAVDVVGNLLVILSVLRNRKLRNAGNLFLVSLAL
ADLVVAFYPYPLILVAIFYDGWAFGEEHCKASAFVMGLSVIGSVWNITAIAIDRYLYICHSMAYHRIYRRWHTPLHICLI
WLLTVVALLPNFFVGSLEYDPRIYSCTFIQTASTQYTAAVVVIHFLLPIAVVSFCYLRIWVLVLQARMKKYTCTVCGYIY
NPEDGDPDNGVNPGTDFKDIPDDWVCPLCGVGKDQFEEVECLKPSDLRSFLTMFVVFVIFAICFAPLNCIGLAVAINPQE
MAPQIPEGLFVTSYLLAYFNSCLNPIVYGLLDQNFRREYKRILLALWNPRHCIQDASKGS
;
_entity_poly.pdbx_strand_id   A,B
#
loop_
_chem_comp.id
_chem_comp.type
_chem_comp.name
_chem_comp.formula
JEY non-polymer N-[2-(5-methoxy-2-phenyl-1H-indol-3-yl)ethyl]acetamide 'C19 H20 N2 O2'
ZN non-polymer 'ZINC ION' 'Zn 2'
#
# COMPACT_ATOMS: atom_id res chain seq x y z
N ALA A 1 -50.64 2.49 0.92
CA ALA A 1 -49.44 2.25 0.12
C ALA A 1 -49.49 0.86 -0.53
N ASP A 2 -48.98 0.74 -1.77
CA ASP A 2 -48.94 -0.52 -2.53
C ASP A 2 -47.87 -1.48 -1.99
N LEU A 3 -48.00 -2.80 -2.29
CA LEU A 3 -47.08 -3.84 -1.85
C LEU A 3 -45.69 -3.68 -2.48
N GLU A 4 -45.64 -3.21 -3.74
CA GLU A 4 -44.40 -2.97 -4.48
C GLU A 4 -43.70 -1.69 -4.00
N ASP A 5 -44.47 -0.62 -3.75
CA ASP A 5 -43.98 0.68 -3.28
C ASP A 5 -43.40 0.55 -1.86
N ASN A 6 -44.07 -0.22 -0.97
CA ASN A 6 -43.64 -0.45 0.41
C ASN A 6 -42.36 -1.27 0.47
N TRP A 7 -42.14 -2.18 -0.50
CA TRP A 7 -40.95 -3.03 -0.58
C TRP A 7 -39.68 -2.21 -0.86
N GLU A 8 -39.78 -1.20 -1.74
CA GLU A 8 -38.66 -0.33 -2.11
C GLU A 8 -38.26 0.59 -0.95
N THR A 9 -39.26 1.13 -0.20
CA THR A 9 -39.07 2.03 0.95
C THR A 9 -38.44 1.30 2.15
N LEU A 10 -38.76 0.01 2.31
CA LEU A 10 -38.24 -0.86 3.37
C LEU A 10 -36.75 -1.16 3.17
N ASN A 11 -36.31 -1.24 1.89
CA ASN A 11 -34.93 -1.56 1.51
C ASN A 11 -33.98 -0.37 1.63
N ASP A 12 -34.36 0.82 1.09
CA ASP A 12 -33.49 2.01 1.16
C ASP A 12 -33.32 2.52 2.60
N ASN A 13 -34.31 2.25 3.48
CA ASN A 13 -34.26 2.63 4.91
C ASN A 13 -33.30 1.69 5.67
N LEU A 14 -33.12 0.44 5.17
CA LEU A 14 -32.20 -0.55 5.74
C LEU A 14 -30.76 -0.13 5.46
N LYS A 15 -30.55 0.53 4.31
CA LYS A 15 -29.25 1.06 3.85
C LYS A 15 -28.84 2.29 4.64
N VAL A 16 -29.83 3.03 5.18
CA VAL A 16 -29.65 4.24 5.99
C VAL A 16 -28.96 3.89 7.31
N ILE A 17 -29.33 2.74 7.94
CA ILE A 17 -28.79 2.25 9.22
C ILE A 17 -27.27 1.98 9.09
N GLU A 18 -26.81 1.46 7.92
CA GLU A 18 -25.39 1.17 7.65
C GLU A 18 -24.57 2.47 7.54
N LYS A 19 -25.14 3.50 6.88
CA LYS A 19 -24.51 4.81 6.68
C LYS A 19 -24.92 5.82 7.78
N ALA A 20 -25.59 5.35 8.85
CA ALA A 20 -26.04 6.19 9.97
C ALA A 20 -24.90 6.49 10.92
N ASP A 21 -24.98 7.66 11.59
CA ASP A 21 -23.99 8.12 12.54
C ASP A 21 -24.51 8.01 13.98
N ASN A 22 -25.69 8.60 14.26
CA ASN A 22 -26.34 8.60 15.57
C ASN A 22 -27.42 7.52 15.66
N ALA A 23 -27.72 7.05 16.89
CA ALA A 23 -28.75 6.05 17.17
C ALA A 23 -30.16 6.58 16.89
N ALA A 24 -30.31 7.92 16.88
CA ALA A 24 -31.56 8.62 16.56
C ALA A 24 -31.90 8.45 15.08
N GLN A 25 -30.86 8.39 14.21
CA GLN A 25 -30.99 8.17 12.78
C GLN A 25 -31.39 6.71 12.51
N VAL A 26 -30.89 5.79 13.36
CA VAL A 26 -31.17 4.34 13.33
C VAL A 26 -32.63 4.12 13.81
N LYS A 27 -33.03 4.80 14.91
CA LYS A 27 -34.37 4.74 15.49
C LYS A 27 -35.42 5.30 14.53
N ASP A 28 -35.08 6.36 13.76
CA ASP A 28 -35.98 6.96 12.77
C ASP A 28 -36.19 6.02 11.59
N ALA A 29 -35.13 5.28 11.19
CA ALA A 29 -35.16 4.35 10.07
C ALA A 29 -35.94 3.06 10.41
N LEU A 30 -35.81 2.57 11.67
CA LEU A 30 -36.51 1.35 12.13
C LEU A 30 -38.00 1.60 12.35
N THR A 31 -38.40 2.84 12.75
CA THR A 31 -39.80 3.23 12.95
C THR A 31 -40.49 3.29 11.57
N LYS A 32 -39.77 3.81 10.55
CA LYS A 32 -40.24 3.88 9.17
C LYS A 32 -40.38 2.47 8.58
N MET A 33 -39.44 1.56 8.93
CA MET A 33 -39.41 0.17 8.47
C MET A 33 -40.48 -0.71 9.12
N ARG A 34 -40.77 -0.51 10.43
CA ARG A 34 -41.77 -1.30 11.15
C ARG A 34 -43.17 -1.02 10.59
N ALA A 35 -43.49 0.26 10.35
CA ALA A 35 -44.77 0.70 9.81
C ALA A 35 -44.97 0.23 8.36
N ALA A 36 -43.88 0.21 7.56
CA ALA A 36 -43.90 -0.22 6.16
C ALA A 36 -44.13 -1.74 6.05
N ALA A 37 -43.62 -2.51 7.04
CA ALA A 37 -43.77 -3.96 7.10
C ALA A 37 -45.22 -4.36 7.43
N LEU A 38 -45.89 -3.57 8.29
CA LEU A 38 -47.28 -3.76 8.72
C LEU A 38 -48.25 -3.52 7.56
N ASP A 39 -48.01 -2.47 6.75
CA ASP A 39 -48.84 -2.13 5.58
C ASP A 39 -48.64 -3.15 4.46
N ALA A 40 -47.46 -3.78 4.40
CA ALA A 40 -47.12 -4.81 3.41
C ALA A 40 -47.79 -6.16 3.75
N GLN A 41 -48.07 -6.38 5.05
CA GLN A 41 -48.70 -7.59 5.58
C GLN A 41 -50.18 -7.69 5.15
N LYS A 42 -50.88 -6.53 5.06
CA LYS A 42 -52.29 -6.44 4.67
C LYS A 42 -52.45 -6.28 3.14
N ALA A 43 -51.40 -6.62 2.37
CA ALA A 43 -51.40 -6.56 0.89
C ALA A 43 -51.13 -7.93 0.27
N THR A 44 -51.84 -8.22 -0.84
CA THR A 44 -51.76 -9.49 -1.59
C THR A 44 -50.58 -9.45 -2.58
N PRO A 45 -49.69 -10.47 -2.56
CA PRO A 45 -48.56 -10.48 -3.52
C PRO A 45 -49.00 -10.70 -4.97
N PRO A 46 -48.27 -10.19 -5.99
CA PRO A 46 -48.71 -10.38 -7.39
C PRO A 46 -48.47 -11.79 -7.93
N LYS A 47 -47.43 -12.50 -7.44
CA LYS A 47 -47.08 -13.85 -7.86
C LYS A 47 -48.15 -14.86 -7.40
N LEU A 48 -48.56 -14.78 -6.12
CA LEU A 48 -49.58 -15.65 -5.51
C LEU A 48 -50.91 -14.88 -5.34
N GLU A 49 -51.32 -14.15 -6.40
CA GLU A 49 -52.56 -13.35 -6.46
C GLU A 49 -53.81 -14.23 -6.51
N ASP A 50 -53.70 -15.42 -7.17
CA ASP A 50 -54.77 -16.40 -7.32
C ASP A 50 -54.98 -17.24 -6.04
N LYS A 51 -53.97 -17.29 -5.15
CA LYS A 51 -54.02 -18.03 -3.88
C LYS A 51 -54.99 -17.38 -2.90
N SER A 52 -55.68 -18.22 -2.07
CA SER A 52 -56.67 -17.83 -1.07
C SER A 52 -56.08 -16.94 0.04
N PRO A 53 -56.84 -16.01 0.68
CA PRO A 53 -56.25 -15.19 1.76
C PRO A 53 -55.81 -15.99 2.98
N ASP A 54 -56.44 -17.17 3.21
CA ASP A 54 -56.13 -18.06 4.33
C ASP A 54 -55.54 -19.41 3.84
N SER A 55 -54.86 -19.38 2.68
CA SER A 55 -54.19 -20.52 2.05
C SER A 55 -52.93 -20.93 2.85
N PRO A 56 -52.49 -22.23 2.86
CA PRO A 56 -51.29 -22.61 3.63
C PRO A 56 -49.99 -21.94 3.14
N GLU A 57 -49.97 -21.44 1.88
CA GLU A 57 -48.82 -20.76 1.27
C GLU A 57 -48.85 -19.24 1.51
N MET A 58 -50.06 -18.65 1.70
CA MET A 58 -50.27 -17.22 1.95
C MET A 58 -50.16 -16.88 3.44
N LYS A 59 -50.58 -17.82 4.32
CA LYS A 59 -50.50 -17.67 5.79
C LYS A 59 -49.05 -17.74 6.26
N ASP A 60 -48.18 -18.45 5.48
CA ASP A 60 -46.75 -18.60 5.74
C ASP A 60 -46.01 -17.28 5.51
N PHE A 61 -46.49 -16.47 4.53
CA PHE A 61 -45.95 -15.14 4.19
C PHE A 61 -46.28 -14.15 5.31
N ARG A 62 -47.47 -14.31 5.95
CA ARG A 62 -47.95 -13.48 7.06
C ARG A 62 -47.09 -13.67 8.31
N HIS A 63 -46.58 -14.90 8.54
CA HIS A 63 -45.70 -15.23 9.66
C HIS A 63 -44.29 -14.66 9.43
N GLY A 64 -43.89 -14.57 8.16
CA GLY A 64 -42.60 -14.02 7.73
C GLY A 64 -42.42 -12.57 8.10
N PHE A 65 -43.51 -11.79 8.04
CA PHE A 65 -43.54 -10.38 8.42
C PHE A 65 -43.45 -10.23 9.94
N ASP A 66 -44.11 -11.14 10.70
CA ASP A 66 -44.11 -11.16 12.17
C ASP A 66 -42.71 -11.51 12.71
N ILE A 67 -41.93 -12.31 11.95
CA ILE A 67 -40.56 -12.68 12.28
C ILE A 67 -39.61 -11.52 11.91
N LEU A 68 -40.00 -10.70 10.89
CA LEU A 68 -39.25 -9.53 10.43
C LEU A 68 -39.43 -8.35 11.39
N VAL A 69 -40.70 -8.07 11.81
CA VAL A 69 -41.07 -7.02 12.78
C VAL A 69 -40.42 -7.39 14.12
N GLY A 70 -40.38 -8.69 14.40
CA GLY A 70 -39.74 -9.25 15.57
C GLY A 70 -38.26 -8.89 15.65
N GLN A 71 -37.58 -8.83 14.50
CA GLN A 71 -36.17 -8.45 14.41
C GLN A 71 -36.02 -6.93 14.53
N ILE A 72 -37.02 -6.15 14.09
CA ILE A 72 -37.02 -4.68 14.14
C ILE A 72 -37.17 -4.20 15.59
N ASP A 73 -38.14 -4.77 16.36
CA ASP A 73 -38.38 -4.37 17.75
C ASP A 73 -37.17 -4.67 18.66
N ASP A 74 -36.38 -5.73 18.33
CA ASP A 74 -35.15 -6.04 19.07
C ASP A 74 -34.05 -5.04 18.69
N ALA A 75 -34.00 -4.61 17.41
CA ALA A 75 -33.04 -3.67 16.86
C ALA A 75 -33.24 -2.25 17.42
N LEU A 76 -34.52 -1.80 17.56
CA LEU A 76 -34.81 -0.48 18.12
C LEU A 76 -34.68 -0.48 19.66
N LYS A 77 -34.69 -1.69 20.29
CA LYS A 77 -34.50 -1.85 21.73
C LYS A 77 -33.04 -1.50 22.07
N LEU A 78 -32.10 -1.89 21.18
CA LEU A 78 -30.66 -1.62 21.26
C LEU A 78 -30.36 -0.17 20.91
N ALA A 79 -31.08 0.39 19.92
CA ALA A 79 -30.91 1.77 19.44
C ALA A 79 -31.42 2.80 20.44
N ASN A 80 -32.49 2.48 21.22
CA ASN A 80 -33.07 3.38 22.22
C ASN A 80 -32.12 3.63 23.40
N GLU A 81 -31.23 2.67 23.68
CA GLU A 81 -30.24 2.79 24.75
C GLU A 81 -29.12 3.76 24.34
N GLY A 82 -28.70 3.67 23.07
CA GLY A 82 -27.65 4.51 22.49
C GLY A 82 -26.68 3.77 21.58
N LYS A 83 -26.60 2.44 21.74
CA LYS A 83 -25.72 1.53 21.00
C LYS A 83 -26.07 1.48 19.51
N VAL A 84 -25.24 2.11 18.67
CA VAL A 84 -25.43 2.19 17.21
C VAL A 84 -24.89 0.90 16.55
N LYS A 85 -23.64 0.49 16.87
CA LYS A 85 -22.99 -0.70 16.32
C LYS A 85 -23.77 -1.98 16.66
N GLU A 86 -24.38 -2.03 17.87
CA GLU A 86 -25.18 -3.18 18.33
C GLU A 86 -26.53 -3.24 17.59
N ALA A 87 -27.07 -2.06 17.19
CA ALA A 87 -28.32 -1.94 16.46
C ALA A 87 -28.12 -2.22 14.96
N GLN A 88 -26.95 -1.81 14.39
CA GLN A 88 -26.63 -2.05 12.98
C GLN A 88 -26.37 -3.54 12.71
N ALA A 89 -25.95 -4.30 13.74
CA ALA A 89 -25.70 -5.75 13.68
C ALA A 89 -27.02 -6.53 13.60
N ALA A 90 -28.04 -6.08 14.37
CA ALA A 90 -29.39 -6.67 14.40
C ALA A 90 -30.16 -6.31 13.12
N ALA A 91 -29.82 -5.15 12.51
CA ALA A 91 -30.39 -4.63 11.27
C ALA A 91 -30.00 -5.50 10.09
N GLU A 92 -28.77 -6.05 10.09
CA GLU A 92 -28.30 -6.94 9.04
C GLU A 92 -28.92 -8.34 9.18
N GLN A 93 -29.26 -8.74 10.43
CA GLN A 93 -29.93 -10.01 10.75
C GLN A 93 -31.35 -9.99 10.18
N LEU A 94 -31.94 -8.79 10.10
CA LEU A 94 -33.25 -8.52 9.52
C LEU A 94 -33.15 -8.46 7.98
N LYS A 95 -32.00 -7.98 7.46
CA LYS A 95 -31.70 -7.87 6.02
C LYS A 95 -31.54 -9.26 5.37
N THR A 96 -31.01 -10.24 6.15
CA THR A 96 -30.82 -11.63 5.70
C THR A 96 -32.16 -12.36 5.62
N THR A 97 -33.07 -12.10 6.58
CA THR A 97 -34.40 -12.70 6.64
C THR A 97 -35.34 -12.09 5.58
N ARG A 98 -35.06 -10.84 5.15
CA ARG A 98 -35.82 -10.11 4.13
C ARG A 98 -35.47 -10.54 2.70
N ASN A 99 -34.26 -11.09 2.51
CA ASN A 99 -33.77 -11.52 1.19
C ASN A 99 -33.87 -13.05 0.99
N ALA A 100 -34.12 -13.82 2.07
CA ALA A 100 -34.22 -15.29 2.00
C ALA A 100 -35.65 -15.81 2.17
N TYR A 101 -36.43 -15.26 3.13
CA TYR A 101 -37.79 -15.72 3.39
C TYR A 101 -38.86 -14.82 2.75
N ILE A 102 -38.59 -13.51 2.62
CA ILE A 102 -39.53 -12.55 2.03
C ILE A 102 -39.34 -12.45 0.50
N GLN A 103 -38.35 -13.18 -0.06
CA GLN A 103 -38.04 -13.20 -1.50
C GLN A 103 -39.02 -14.08 -2.29
N LYS A 104 -39.84 -14.93 -1.61
CA LYS A 104 -40.82 -15.82 -2.25
C LYS A 104 -41.93 -15.02 -2.97
N TYR A 105 -42.35 -13.89 -2.37
CA TYR A 105 -43.38 -13.01 -2.92
C TYR A 105 -42.76 -11.94 -3.81
N LEU A 106 -43.35 -11.72 -5.01
CA LEU A 106 -42.95 -10.75 -6.04
C LEU A 106 -41.57 -11.08 -6.67
N GLY A 107 -41.24 -10.35 -7.73
CA GLY A 107 -40.01 -10.48 -8.49
C GLY A 107 -40.08 -9.72 -9.80
N ASP A 108 -39.94 -8.37 -9.71
CA ASP A 108 -40.00 -7.41 -10.82
C ASP A 108 -39.00 -7.72 -11.95
N GLY A 109 -37.79 -8.17 -11.57
CA GLY A 109 -36.73 -8.52 -12.49
C GLY A 109 -36.98 -9.81 -13.25
N ALA A 110 -36.74 -9.79 -14.57
CA ALA A 110 -36.90 -10.94 -15.46
C ALA A 110 -35.64 -11.09 -16.34
N ARG A 111 -34.68 -11.89 -15.84
CA ARG A 111 -33.40 -12.15 -16.52
C ARG A 111 -33.59 -13.18 -17.66
N PRO A 112 -32.98 -12.94 -18.85
CA PRO A 112 -33.13 -13.92 -19.95
C PRO A 112 -32.53 -15.29 -19.63
N SER A 113 -32.94 -16.31 -20.40
CA SER A 113 -32.48 -17.69 -20.20
C SER A 113 -31.02 -17.89 -20.62
N TRP A 114 -30.41 -16.91 -21.34
CA TRP A 114 -29.02 -17.00 -21.82
C TRP A 114 -28.00 -16.41 -20.85
N VAL A 115 -28.41 -15.48 -19.96
CA VAL A 115 -27.48 -14.81 -19.03
C VAL A 115 -26.91 -15.80 -17.98
N ALA A 116 -27.54 -16.96 -17.76
CA ALA A 116 -27.04 -17.93 -16.80
C ALA A 116 -26.00 -18.89 -17.42
N PRO A 117 -26.25 -19.58 -18.57
CA PRO A 117 -25.24 -20.50 -19.12
C PRO A 117 -24.00 -19.81 -19.67
N ALA A 118 -24.11 -18.55 -20.11
CA ALA A 118 -22.98 -17.79 -20.64
C ALA A 118 -22.07 -17.36 -19.50
N LEU A 119 -22.65 -16.69 -18.49
CA LEU A 119 -21.96 -16.23 -17.28
C LEU A 119 -21.17 -17.37 -16.65
N SER A 120 -21.79 -18.55 -16.50
CA SER A 120 -21.18 -19.73 -15.88
C SER A 120 -20.04 -20.28 -16.74
N ALA A 121 -20.27 -20.51 -18.05
CA ALA A 121 -19.23 -21.00 -18.96
C ALA A 121 -18.03 -20.06 -19.02
N VAL A 122 -18.29 -18.74 -19.20
CA VAL A 122 -17.28 -17.68 -19.29
C VAL A 122 -16.43 -17.67 -18.02
N LEU A 123 -17.06 -17.70 -16.81
CA LEU A 123 -16.33 -17.73 -15.53
C LEU A 123 -15.54 -19.01 -15.37
N ILE A 124 -16.09 -20.18 -15.80
CA ILE A 124 -15.38 -21.46 -15.73
C ILE A 124 -14.08 -21.36 -16.59
N VAL A 125 -14.23 -20.95 -17.87
CA VAL A 125 -13.16 -20.78 -18.84
C VAL A 125 -12.14 -19.74 -18.32
N THR A 126 -12.61 -18.59 -17.79
CA THR A 126 -11.75 -17.53 -17.27
C THR A 126 -10.96 -18.04 -16.06
N THR A 127 -11.64 -18.56 -15.01
CA THR A 127 -11.03 -19.10 -13.78
C THR A 127 -9.98 -20.18 -14.09
N ALA A 128 -10.29 -21.12 -15.01
CA ALA A 128 -9.41 -22.22 -15.38
C ALA A 128 -8.12 -21.74 -16.07
N VAL A 129 -8.24 -20.81 -17.06
CA VAL A 129 -7.08 -20.30 -17.79
C VAL A 129 -6.26 -19.37 -16.86
N ASP A 130 -6.96 -18.60 -16.00
CA ASP A 130 -6.39 -17.67 -15.03
C ASP A 130 -5.44 -18.38 -14.04
N VAL A 131 -5.97 -19.38 -13.30
CA VAL A 131 -5.25 -20.12 -12.27
C VAL A 131 -3.97 -20.80 -12.85
N VAL A 132 -4.02 -21.31 -14.11
CA VAL A 132 -2.87 -22.01 -14.71
C VAL A 132 -1.91 -21.00 -15.37
N GLY A 133 -2.41 -20.23 -16.33
CA GLY A 133 -1.66 -19.25 -17.11
C GLY A 133 -0.92 -18.21 -16.29
N ASN A 134 -1.63 -17.50 -15.39
CA ASN A 134 -1.06 -16.47 -14.53
C ASN A 134 -0.11 -17.06 -13.48
N LEU A 135 -0.25 -18.37 -13.17
CA LEU A 135 0.65 -19.05 -12.25
C LEU A 135 2.00 -19.31 -12.93
N LEU A 136 1.95 -19.63 -14.25
CA LEU A 136 3.14 -19.86 -15.07
C LEU A 136 3.95 -18.57 -15.23
N VAL A 137 3.26 -17.41 -15.27
CA VAL A 137 3.86 -16.08 -15.36
C VAL A 137 4.68 -15.84 -14.08
N ILE A 138 4.07 -16.06 -12.90
CA ILE A 138 4.71 -15.93 -11.58
C ILE A 138 5.99 -16.79 -11.55
N LEU A 139 5.86 -18.07 -11.93
CA LEU A 139 6.92 -19.07 -11.95
C LEU A 139 8.05 -18.73 -12.91
N SER A 140 7.73 -18.19 -14.11
CA SER A 140 8.73 -17.82 -15.12
C SER A 140 9.57 -16.62 -14.69
N VAL A 141 8.97 -15.65 -13.98
CA VAL A 141 9.67 -14.46 -13.51
C VAL A 141 10.52 -14.81 -12.28
N LEU A 142 10.03 -15.71 -11.41
CA LEU A 142 10.74 -16.13 -10.20
C LEU A 142 12.02 -16.92 -10.51
N ARG A 143 11.99 -17.73 -11.60
CA ARG A 143 13.09 -18.57 -12.05
C ARG A 143 14.11 -17.76 -12.88
N ASN A 144 13.68 -17.22 -14.04
CA ASN A 144 14.51 -16.42 -14.95
C ASN A 144 14.83 -15.04 -14.37
N ARG A 145 16.13 -14.75 -14.19
CA ARG A 145 16.62 -13.48 -13.65
C ARG A 145 16.77 -12.40 -14.72
N LYS A 146 16.98 -12.82 -16.00
CA LYS A 146 17.13 -11.90 -17.14
C LYS A 146 15.82 -11.15 -17.42
N LEU A 147 14.68 -11.88 -17.45
CA LEU A 147 13.34 -11.32 -17.66
C LEU A 147 12.94 -10.41 -16.49
N ARG A 148 13.14 -10.91 -15.26
CA ARG A 148 12.84 -10.26 -13.99
C ARG A 148 13.46 -8.85 -13.92
N ASN A 149 14.75 -8.75 -14.26
CA ASN A 149 15.50 -7.50 -14.24
C ASN A 149 15.17 -6.59 -15.43
N ALA A 150 14.54 -7.14 -16.50
CA ALA A 150 14.16 -6.37 -17.69
C ALA A 150 12.80 -5.64 -17.49
N GLY A 151 12.60 -5.09 -16.29
CA GLY A 151 11.41 -4.33 -15.89
C GLY A 151 10.12 -5.11 -15.82
N ASN A 152 10.20 -6.45 -15.80
CA ASN A 152 9.03 -7.31 -15.74
C ASN A 152 8.79 -7.82 -14.32
N LEU A 153 8.95 -6.92 -13.33
CA LEU A 153 8.67 -7.20 -11.93
C LEU A 153 7.21 -6.82 -11.67
N PHE A 154 6.69 -5.86 -12.47
CA PHE A 154 5.29 -5.39 -12.42
C PHE A 154 4.33 -6.47 -12.93
N LEU A 155 4.80 -7.36 -13.84
CA LEU A 155 3.98 -8.43 -14.42
C LEU A 155 3.53 -9.42 -13.36
N VAL A 156 4.35 -9.62 -12.29
CA VAL A 156 4.05 -10.49 -11.14
C VAL A 156 2.90 -9.87 -10.36
N SER A 157 2.95 -8.54 -10.20
CA SER A 157 1.92 -7.75 -9.53
C SER A 157 0.62 -7.75 -10.35
N LEU A 158 0.74 -7.64 -11.70
CA LEU A 158 -0.43 -7.67 -12.60
C LEU A 158 -1.07 -9.07 -12.59
N ALA A 159 -0.23 -10.14 -12.53
CA ALA A 159 -0.68 -11.55 -12.50
C ALA A 159 -1.38 -11.90 -11.18
N LEU A 160 -0.88 -11.34 -10.05
CA LEU A 160 -1.47 -11.53 -8.72
C LEU A 160 -2.86 -10.91 -8.67
N ALA A 161 -3.03 -9.73 -9.32
CA ALA A 161 -4.31 -9.02 -9.45
C ALA A 161 -5.32 -9.90 -10.19
N ASP A 162 -4.85 -10.58 -11.24
CA ASP A 162 -5.66 -11.46 -12.06
C ASP A 162 -5.99 -12.75 -11.29
N LEU A 163 -5.01 -13.31 -10.55
CA LEU A 163 -5.15 -14.57 -9.83
C LEU A 163 -6.13 -14.54 -8.65
N VAL A 164 -6.04 -13.51 -7.78
CA VAL A 164 -6.86 -13.40 -6.57
C VAL A 164 -8.39 -13.46 -6.87
N VAL A 165 -8.84 -12.85 -7.99
CA VAL A 165 -10.25 -12.81 -8.39
C VAL A 165 -10.77 -14.21 -8.75
N ALA A 166 -9.89 -15.12 -9.24
CA ALA A 166 -10.23 -16.48 -9.62
C ALA A 166 -10.38 -17.39 -8.39
N PHE A 167 -9.67 -17.06 -7.30
CA PHE A 167 -9.64 -17.85 -6.06
C PHE A 167 -10.75 -17.53 -5.05
N TYR A 168 -11.36 -16.33 -5.08
CA TYR A 168 -12.39 -16.01 -4.08
C TYR A 168 -13.73 -15.53 -4.71
N PRO A 169 -13.86 -14.37 -5.42
CA PRO A 169 -15.20 -13.99 -5.91
C PRO A 169 -15.75 -14.86 -7.04
N TYR A 170 -14.95 -15.20 -8.08
CA TYR A 170 -15.41 -16.01 -9.21
C TYR A 170 -16.06 -17.34 -8.76
N PRO A 171 -15.47 -18.18 -7.86
CA PRO A 171 -16.16 -19.42 -7.44
C PRO A 171 -17.49 -19.18 -6.73
N LEU A 172 -17.60 -18.08 -5.94
CA LEU A 172 -18.84 -17.75 -5.23
C LEU A 172 -19.96 -17.35 -6.19
N ILE A 173 -19.62 -16.57 -7.26
CA ILE A 173 -20.58 -16.14 -8.29
C ILE A 173 -21.14 -17.37 -9.00
N LEU A 174 -20.26 -18.35 -9.31
CA LEU A 174 -20.65 -19.60 -9.95
C LEU A 174 -21.62 -20.37 -9.06
N VAL A 175 -21.50 -20.25 -7.73
CA VAL A 175 -22.43 -20.86 -6.77
C VAL A 175 -23.76 -20.07 -6.82
N ALA A 176 -23.67 -18.72 -6.90
CA ALA A 176 -24.82 -17.80 -6.96
C ALA A 176 -25.66 -17.97 -8.24
N ILE A 177 -25.07 -18.47 -9.34
CA ILE A 177 -25.80 -18.71 -10.59
C ILE A 177 -26.66 -19.99 -10.40
N PHE A 178 -25.99 -21.11 -10.00
CA PHE A 178 -26.60 -22.42 -9.78
C PHE A 178 -27.62 -22.45 -8.63
N TYR A 179 -27.48 -21.55 -7.62
CA TYR A 179 -28.39 -21.46 -6.48
C TYR A 179 -29.41 -20.32 -6.63
N ASP A 180 -29.30 -19.53 -7.74
CA ASP A 180 -30.16 -18.41 -8.11
C ASP A 180 -30.34 -17.43 -6.94
N GLY A 181 -29.34 -16.59 -6.75
CA GLY A 181 -29.27 -15.61 -5.67
C GLY A 181 -28.02 -15.78 -4.83
N TRP A 182 -27.60 -14.72 -4.11
CA TRP A 182 -26.40 -14.76 -3.29
C TRP A 182 -26.59 -15.71 -2.10
N ALA A 183 -26.08 -16.95 -2.24
CA ALA A 183 -26.16 -18.04 -1.27
C ALA A 183 -25.30 -17.79 -0.02
N PHE A 184 -24.29 -16.90 -0.13
CA PHE A 184 -23.38 -16.58 0.96
C PHE A 184 -23.89 -15.36 1.74
N GLY A 185 -23.26 -15.08 2.88
CA GLY A 185 -23.65 -13.97 3.76
C GLY A 185 -23.39 -12.59 3.20
N GLU A 186 -23.81 -11.55 3.95
CA GLU A 186 -23.60 -10.14 3.59
C GLU A 186 -22.12 -9.79 3.73
N GLU A 187 -21.41 -10.49 4.64
CA GLU A 187 -19.98 -10.33 4.90
C GLU A 187 -19.18 -10.69 3.63
N HIS A 188 -19.43 -11.90 3.09
CA HIS A 188 -18.80 -12.41 1.87
C HIS A 188 -19.21 -11.64 0.63
N CYS A 189 -20.37 -10.94 0.67
CA CYS A 189 -20.91 -10.17 -0.44
C CYS A 189 -20.06 -8.93 -0.71
N LYS A 190 -19.92 -8.03 0.29
CA LYS A 190 -19.16 -6.79 0.17
C LYS A 190 -17.67 -7.04 -0.02
N ALA A 191 -17.15 -8.14 0.57
CA ALA A 191 -15.74 -8.55 0.47
C ALA A 191 -15.40 -8.96 -0.97
N SER A 192 -16.28 -9.77 -1.62
CA SER A 192 -16.13 -10.23 -3.00
C SER A 192 -16.08 -9.06 -3.96
N ALA A 193 -16.95 -8.06 -3.74
CA ALA A 193 -17.03 -6.82 -4.52
C ALA A 193 -15.77 -5.97 -4.34
N PHE A 194 -15.19 -5.98 -3.13
CA PHE A 194 -13.97 -5.26 -2.77
C PHE A 194 -12.73 -5.90 -3.41
N VAL A 195 -12.64 -7.26 -3.40
CA VAL A 195 -11.55 -8.04 -3.99
C VAL A 195 -11.48 -7.74 -5.51
N MET A 196 -12.65 -7.68 -6.17
CA MET A 196 -12.79 -7.36 -7.59
C MET A 196 -12.37 -5.93 -7.91
N GLY A 197 -12.60 -5.02 -6.96
CA GLY A 197 -12.22 -3.62 -7.06
C GLY A 197 -10.71 -3.50 -7.19
N LEU A 198 -9.98 -4.21 -6.30
CA LEU A 198 -8.52 -4.27 -6.29
C LEU A 198 -8.00 -4.82 -7.62
N SER A 199 -8.59 -5.94 -8.05
CA SER A 199 -8.24 -6.64 -9.27
C SER A 199 -8.42 -5.79 -10.51
N VAL A 200 -9.49 -4.99 -10.61
CA VAL A 200 -9.73 -4.16 -11.78
C VAL A 200 -8.94 -2.85 -11.70
N ILE A 201 -9.16 -2.02 -10.65
CA ILE A 201 -8.49 -0.71 -10.49
C ILE A 201 -6.96 -0.90 -10.40
N GLY A 202 -6.50 -1.88 -9.62
CA GLY A 202 -5.09 -2.22 -9.44
C GLY A 202 -4.40 -2.61 -10.73
N SER A 203 -5.15 -3.24 -11.67
CA SER A 203 -4.64 -3.64 -12.99
C SER A 203 -4.41 -2.43 -13.88
N VAL A 204 -5.30 -1.40 -13.80
CA VAL A 204 -5.18 -0.16 -14.58
C VAL A 204 -3.89 0.54 -14.22
N TRP A 205 -3.62 0.68 -12.91
CA TRP A 205 -2.44 1.37 -12.41
C TRP A 205 -1.17 0.54 -12.57
N ASN A 206 -1.31 -0.80 -12.75
CA ASN A 206 -0.16 -1.67 -13.01
C ASN A 206 0.26 -1.49 -14.46
N ILE A 207 -0.73 -1.38 -15.38
CA ILE A 207 -0.56 -1.15 -16.82
C ILE A 207 0.07 0.24 -17.06
N THR A 208 -0.41 1.29 -16.33
CA THR A 208 0.10 2.67 -16.45
C THR A 208 1.58 2.73 -16.05
N ALA A 209 1.94 2.10 -14.91
CA ALA A 209 3.31 2.03 -14.39
C ALA A 209 4.23 1.36 -15.41
N ILE A 210 3.73 0.33 -16.12
CA ILE A 210 4.44 -0.42 -17.16
C ILE A 210 4.63 0.49 -18.39
N ALA A 211 3.57 1.24 -18.77
CA ALA A 211 3.59 2.17 -19.89
C ALA A 211 4.59 3.32 -19.67
N ILE A 212 4.67 3.85 -18.43
CA ILE A 212 5.58 4.93 -18.04
C ILE A 212 7.02 4.37 -18.03
N ASP A 213 7.21 3.12 -17.54
CA ASP A 213 8.49 2.42 -17.50
C ASP A 213 9.03 2.22 -18.92
N ARG A 214 8.18 1.70 -19.83
CA ARG A 214 8.50 1.50 -21.24
C ARG A 214 8.56 2.84 -22.00
N TYR A 215 8.02 3.94 -21.43
CA TYR A 215 8.11 5.27 -22.04
C TYR A 215 9.48 5.85 -21.73
N LEU A 216 9.87 5.78 -20.44
CA LEU A 216 11.14 6.27 -19.88
C LEU A 216 12.35 5.42 -20.34
N TYR A 217 12.13 4.13 -20.70
CA TYR A 217 13.19 3.23 -21.17
C TYR A 217 13.51 3.49 -22.65
N ILE A 218 12.47 3.65 -23.51
CA ILE A 218 12.63 3.92 -24.94
C ILE A 218 13.00 5.41 -25.12
N CYS A 219 12.07 6.34 -24.79
CA CYS A 219 12.33 7.79 -24.86
C CYS A 219 13.03 8.20 -23.57
N HIS A 220 14.03 9.10 -23.63
CA HIS A 220 14.83 9.56 -22.48
C HIS A 220 15.56 8.35 -21.82
N SER A 221 16.14 7.48 -22.67
CA SER A 221 16.85 6.25 -22.31
C SER A 221 18.09 6.51 -21.47
N MET A 222 18.89 7.54 -21.82
CA MET A 222 20.11 7.89 -21.10
C MET A 222 19.80 8.45 -19.71
N ALA A 223 18.76 9.32 -19.60
CA ALA A 223 18.29 9.91 -18.34
C ALA A 223 17.80 8.82 -17.39
N TYR A 224 17.18 7.78 -17.95
CA TYR A 224 16.64 6.61 -17.26
C TYR A 224 17.75 5.83 -16.54
N HIS A 225 18.86 5.52 -17.25
CA HIS A 225 19.99 4.74 -16.71
C HIS A 225 20.68 5.45 -15.54
N ARG A 226 20.58 6.80 -15.48
CA ARG A 226 21.12 7.63 -14.40
C ARG A 226 20.29 7.41 -13.11
N ILE A 227 18.97 7.14 -13.27
CA ILE A 227 18.01 6.88 -12.19
C ILE A 227 17.99 5.38 -11.85
N TYR A 228 18.26 5.04 -10.58
CA TYR A 228 18.30 3.66 -10.06
C TYR A 228 16.93 3.01 -10.16
N ARG A 229 16.90 1.69 -10.43
CA ARG A 229 15.65 0.92 -10.56
C ARG A 229 15.66 -0.25 -9.58
N ARG A 230 16.69 -0.32 -8.71
CA ARG A 230 16.89 -1.39 -7.74
C ARG A 230 15.77 -1.45 -6.70
N TRP A 231 15.69 -0.44 -5.83
CA TRP A 231 14.70 -0.35 -4.77
C TRP A 231 13.51 0.52 -5.20
N HIS A 232 13.57 1.07 -6.41
CA HIS A 232 12.53 1.95 -6.94
C HIS A 232 11.26 1.19 -7.34
N THR A 233 11.37 0.12 -8.16
CA THR A 233 10.19 -0.64 -8.63
C THR A 233 9.44 -1.37 -7.48
N PRO A 234 10.08 -2.03 -6.46
CA PRO A 234 9.27 -2.65 -5.39
C PRO A 234 8.48 -1.62 -4.59
N LEU A 235 8.98 -0.37 -4.52
CA LEU A 235 8.32 0.75 -3.87
C LEU A 235 7.12 1.20 -4.69
N HIS A 236 7.29 1.33 -6.02
CA HIS A 236 6.24 1.74 -6.96
C HIS A 236 5.05 0.76 -6.95
N ILE A 237 5.34 -0.56 -6.90
CA ILE A 237 4.33 -1.64 -6.86
C ILE A 237 3.56 -1.53 -5.53
N CYS A 238 4.27 -1.28 -4.41
CA CYS A 238 3.69 -1.11 -3.08
C CYS A 238 2.77 0.13 -3.05
N LEU A 239 3.22 1.23 -3.68
CA LEU A 239 2.50 2.49 -3.75
C LEU A 239 1.19 2.37 -4.52
N ILE A 240 1.22 1.78 -5.76
CA ILE A 240 0.04 1.65 -6.63
C ILE A 240 -1.04 0.78 -5.97
N TRP A 241 -0.64 -0.22 -5.15
CA TRP A 241 -1.58 -1.10 -4.45
C TRP A 241 -2.26 -0.38 -3.29
N LEU A 242 -1.49 0.47 -2.55
CA LEU A 242 -2.04 1.25 -1.43
C LEU A 242 -2.93 2.38 -1.97
N LEU A 243 -2.60 2.92 -3.17
CA LEU A 243 -3.39 3.94 -3.87
C LEU A 243 -4.76 3.38 -4.26
N THR A 244 -4.80 2.09 -4.66
CA THR A 244 -6.00 1.35 -5.05
C THR A 244 -6.94 1.16 -3.84
N VAL A 245 -6.41 0.71 -2.67
CA VAL A 245 -7.14 0.47 -1.42
C VAL A 245 -7.84 1.77 -0.97
N VAL A 246 -7.14 2.92 -1.09
CA VAL A 246 -7.63 4.27 -0.76
C VAL A 246 -8.84 4.64 -1.65
N ALA A 247 -8.69 4.45 -2.98
CA ALA A 247 -9.70 4.76 -3.99
C ALA A 247 -10.99 3.93 -3.83
N LEU A 248 -10.89 2.75 -3.19
CA LEU A 248 -11.98 1.78 -2.96
C LEU A 248 -12.76 2.01 -1.65
N LEU A 249 -12.18 2.76 -0.69
CA LEU A 249 -12.77 3.04 0.63
C LEU A 249 -14.12 3.81 0.58
N PRO A 250 -14.37 4.81 -0.33
CA PRO A 250 -15.68 5.50 -0.32
C PRO A 250 -16.90 4.59 -0.57
N ASN A 251 -16.67 3.35 -1.07
CA ASN A 251 -17.72 2.36 -1.31
C ASN A 251 -18.38 1.95 0.01
N PHE A 252 -17.59 1.85 1.10
CA PHE A 252 -18.05 1.48 2.43
C PHE A 252 -18.97 2.53 3.04
N PHE A 253 -18.75 3.81 2.72
CA PHE A 253 -19.53 4.93 3.25
C PHE A 253 -20.75 5.22 2.38
N VAL A 254 -20.63 5.08 1.04
CA VAL A 254 -21.73 5.31 0.10
C VAL A 254 -22.69 4.10 0.09
N GLY A 255 -22.15 2.89 0.17
CA GLY A 255 -22.92 1.65 0.13
C GLY A 255 -23.22 1.22 -1.30
N SER A 256 -22.18 1.22 -2.15
CA SER A 256 -22.23 0.86 -3.56
C SER A 256 -21.94 -0.63 -3.79
N LEU A 257 -21.34 -1.30 -2.79
CA LEU A 257 -21.05 -2.73 -2.89
C LEU A 257 -22.26 -3.53 -2.39
N GLU A 258 -23.08 -4.03 -3.35
CA GLU A 258 -24.28 -4.82 -3.09
C GLU A 258 -24.52 -5.87 -4.21
N TYR A 259 -25.39 -6.86 -3.96
CA TYR A 259 -25.70 -7.93 -4.91
C TYR A 259 -26.54 -7.42 -6.07
N ASP A 260 -26.03 -7.61 -7.29
CA ASP A 260 -26.70 -7.26 -8.53
C ASP A 260 -27.28 -8.56 -9.11
N PRO A 261 -28.62 -8.73 -9.11
CA PRO A 261 -29.20 -9.97 -9.62
C PRO A 261 -29.09 -10.17 -11.14
N ARG A 262 -28.90 -9.07 -11.92
CA ARG A 262 -28.76 -9.09 -13.39
C ARG A 262 -27.57 -9.94 -13.84
N ILE A 263 -26.46 -9.84 -13.11
CA ILE A 263 -25.21 -10.53 -13.42
C ILE A 263 -24.86 -11.56 -12.33
N TYR A 264 -25.84 -11.90 -11.44
CA TYR A 264 -25.73 -12.89 -10.35
C TYR A 264 -24.52 -12.65 -9.41
N SER A 265 -23.83 -11.50 -9.55
CA SER A 265 -22.63 -11.20 -8.77
C SER A 265 -22.77 -9.97 -7.88
N CYS A 266 -22.18 -10.05 -6.67
CA CYS A 266 -22.13 -8.97 -5.69
C CYS A 266 -20.99 -8.04 -6.12
N THR A 267 -21.34 -6.87 -6.68
CA THR A 267 -20.40 -5.92 -7.27
C THR A 267 -20.71 -4.46 -6.90
N PHE A 268 -20.10 -3.50 -7.62
CA PHE A 268 -20.25 -2.05 -7.46
C PHE A 268 -21.44 -1.55 -8.27
N ILE A 269 -22.37 -0.83 -7.60
CA ILE A 269 -23.60 -0.28 -8.20
C ILE A 269 -23.36 1.17 -8.64
N GLN A 270 -23.66 1.44 -9.92
CA GLN A 270 -23.49 2.73 -10.59
C GLN A 270 -24.53 3.77 -10.17
N THR A 271 -25.74 3.34 -9.75
CA THR A 271 -26.85 4.23 -9.37
C THR A 271 -26.82 4.60 -7.86
N ALA A 272 -25.87 4.05 -7.07
CA ALA A 272 -25.74 4.34 -5.64
C ALA A 272 -25.24 5.78 -5.39
N SER A 273 -24.35 6.30 -6.28
CA SER A 273 -23.78 7.65 -6.24
C SER A 273 -23.24 8.04 -7.61
N THR A 274 -23.84 9.07 -8.23
CA THR A 274 -23.43 9.57 -9.55
C THR A 274 -22.08 10.30 -9.46
N GLN A 275 -21.79 10.93 -8.30
CA GLN A 275 -20.55 11.68 -8.02
C GLN A 275 -19.34 10.74 -7.95
N TYR A 276 -19.47 9.62 -7.20
CA TYR A 276 -18.40 8.64 -7.01
C TYR A 276 -18.10 7.88 -8.31
N THR A 277 -19.14 7.48 -9.07
CA THR A 277 -19.00 6.78 -10.35
C THR A 277 -18.28 7.66 -11.36
N ALA A 278 -18.55 8.97 -11.35
CA ALA A 278 -17.91 9.95 -12.24
C ALA A 278 -16.39 9.86 -12.08
N ALA A 279 -15.90 9.76 -10.82
CA ALA A 279 -14.48 9.62 -10.48
C ALA A 279 -13.94 8.26 -10.93
N VAL A 280 -14.73 7.18 -10.72
CA VAL A 280 -14.35 5.81 -11.09
C VAL A 280 -14.18 5.72 -12.63
N VAL A 281 -15.09 6.36 -13.39
CA VAL A 281 -15.06 6.36 -14.85
C VAL A 281 -13.95 7.30 -15.39
N VAL A 282 -13.77 8.51 -14.81
CA VAL A 282 -12.78 9.47 -15.32
C VAL A 282 -11.37 9.20 -14.72
N ILE A 283 -11.20 9.39 -13.38
CA ILE A 283 -9.93 9.27 -12.66
C ILE A 283 -9.36 7.83 -12.71
N HIS A 284 -10.21 6.79 -12.82
CA HIS A 284 -9.69 5.42 -12.82
C HIS A 284 -9.91 4.64 -14.15
N PHE A 285 -10.13 5.36 -15.27
CA PHE A 285 -10.25 4.74 -16.60
C PHE A 285 -9.87 5.74 -17.69
N LEU A 286 -10.73 6.74 -17.97
CA LEU A 286 -10.53 7.74 -19.04
C LEU A 286 -9.18 8.47 -18.94
N LEU A 287 -8.79 8.95 -17.74
CA LEU A 287 -7.52 9.64 -17.51
C LEU A 287 -6.32 8.64 -17.66
N PRO A 288 -6.24 7.49 -16.93
CA PRO A 288 -5.11 6.58 -17.13
C PRO A 288 -5.02 5.98 -18.56
N ILE A 289 -6.15 5.82 -19.29
CA ILE A 289 -6.12 5.32 -20.68
C ILE A 289 -5.46 6.39 -21.56
N ALA A 290 -5.82 7.67 -21.33
CA ALA A 290 -5.29 8.82 -22.07
C ALA A 290 -3.78 9.01 -21.88
N VAL A 291 -3.25 8.85 -20.64
CA VAL A 291 -1.82 9.01 -20.38
C VAL A 291 -1.01 7.85 -20.99
N VAL A 292 -1.59 6.62 -20.99
CA VAL A 292 -0.95 5.43 -21.56
C VAL A 292 -0.95 5.56 -23.09
N SER A 293 -2.02 6.15 -23.67
CA SER A 293 -2.11 6.40 -25.10
C SER A 293 -1.00 7.37 -25.54
N PHE A 294 -0.71 8.42 -24.72
CA PHE A 294 0.36 9.39 -24.95
C PHE A 294 1.74 8.73 -24.88
N CYS A 295 1.90 7.78 -23.92
CA CYS A 295 3.14 7.03 -23.70
C CYS A 295 3.49 6.21 -24.95
N TYR A 296 2.57 5.33 -25.40
CA TYR A 296 2.78 4.47 -26.56
C TYR A 296 2.76 5.24 -27.89
N LEU A 297 2.15 6.45 -27.93
CA LEU A 297 2.14 7.28 -29.14
C LEU A 297 3.56 7.77 -29.44
N ARG A 298 4.31 8.17 -28.40
CA ARG A 298 5.69 8.65 -28.52
C ARG A 298 6.67 7.50 -28.88
N ILE A 299 6.33 6.24 -28.51
CA ILE A 299 7.17 5.06 -28.83
C ILE A 299 6.97 4.68 -30.29
N TRP A 300 5.70 4.53 -30.74
CA TRP A 300 5.35 4.13 -32.10
C TRP A 300 5.83 5.14 -33.15
N VAL A 301 5.91 6.46 -32.80
CA VAL A 301 6.39 7.49 -33.74
C VAL A 301 7.91 7.34 -33.93
N LEU A 302 8.64 6.88 -32.89
CA LEU A 302 10.09 6.64 -32.97
C LEU A 302 10.40 5.44 -33.84
N VAL A 303 9.59 4.36 -33.72
CA VAL A 303 9.73 3.12 -34.50
C VAL A 303 9.38 3.43 -35.97
N LEU A 304 8.36 4.29 -36.19
CA LEU A 304 7.91 4.72 -37.52
C LEU A 304 8.99 5.58 -38.20
N GLN A 305 9.65 6.50 -37.44
CA GLN A 305 10.70 7.38 -37.97
C GLN A 305 12.09 6.68 -37.97
N ALA A 306 12.12 5.33 -37.72
CA ALA A 306 13.29 4.43 -37.68
C ALA A 306 14.37 4.93 -36.71
N ARG A 307 13.97 5.20 -35.45
CA ARG A 307 14.87 5.70 -34.43
C ARG A 307 15.65 4.54 -33.79
N MET A 308 15.60 4.35 -32.43
CA MET A 308 16.43 3.29 -31.85
C MET A 308 15.88 1.91 -32.18
N LYS A 309 16.63 1.29 -33.10
CA LYS A 309 16.49 -0.04 -33.69
C LYS A 309 17.86 -0.72 -33.73
N LYS A 310 17.88 -2.06 -33.83
CA LYS A 310 19.10 -2.84 -33.93
C LYS A 310 19.76 -2.59 -35.30
N TYR A 311 21.10 -2.50 -35.33
CA TYR A 311 21.86 -2.26 -36.54
C TYR A 311 22.88 -3.37 -36.72
N THR A 312 22.72 -4.16 -37.78
CA THR A 312 23.58 -5.31 -38.09
C THR A 312 24.76 -4.89 -39.00
N CYS A 313 25.95 -5.47 -38.76
CA CYS A 313 27.15 -5.20 -39.54
C CYS A 313 27.16 -6.03 -40.80
N THR A 314 27.40 -5.37 -41.95
CA THR A 314 27.44 -5.98 -43.27
C THR A 314 28.84 -6.54 -43.60
N VAL A 315 29.69 -6.77 -42.57
CA VAL A 315 31.05 -7.28 -42.74
C VAL A 315 31.30 -8.47 -41.79
N CYS A 316 31.10 -8.29 -40.46
CA CYS A 316 31.35 -9.36 -39.49
C CYS A 316 30.07 -9.84 -38.76
N GLY A 317 28.94 -9.20 -39.06
CA GLY A 317 27.65 -9.56 -38.49
C GLY A 317 27.36 -9.08 -37.09
N TYR A 318 28.12 -8.07 -36.60
CA TYR A 318 27.95 -7.48 -35.28
C TYR A 318 26.60 -6.78 -35.20
N ILE A 319 25.77 -7.17 -34.21
CA ILE A 319 24.46 -6.57 -34.02
C ILE A 319 24.60 -5.53 -32.93
N TYR A 320 24.32 -4.26 -33.28
CA TYR A 320 24.37 -3.14 -32.35
C TYR A 320 23.01 -2.95 -31.68
N ASN A 321 22.95 -3.18 -30.36
CA ASN A 321 21.72 -3.01 -29.61
C ASN A 321 21.75 -1.64 -28.91
N PRO A 322 20.79 -0.72 -29.20
CA PRO A 322 20.80 0.60 -28.52
C PRO A 322 20.61 0.48 -27.01
N GLU A 323 19.99 -0.63 -26.53
CA GLU A 323 19.75 -0.94 -25.12
C GLU A 323 21.07 -1.23 -24.40
N ASP A 324 22.08 -1.70 -25.15
CA ASP A 324 23.41 -2.07 -24.66
C ASP A 324 24.47 -1.04 -24.99
N GLY A 325 24.38 -0.44 -26.19
CA GLY A 325 25.34 0.51 -26.73
C GLY A 325 26.67 -0.17 -27.07
N ASP A 326 27.78 0.53 -26.76
CA ASP A 326 29.18 0.07 -26.91
C ASP A 326 30.00 0.79 -25.82
N PRO A 327 29.78 0.44 -24.54
CA PRO A 327 30.43 1.18 -23.44
C PRO A 327 31.96 1.20 -23.45
N ASP A 328 32.60 0.12 -23.92
CA ASP A 328 34.06 0.05 -23.97
C ASP A 328 34.65 1.04 -24.98
N ASN A 329 33.88 1.38 -26.04
CA ASN A 329 34.31 2.35 -27.05
C ASN A 329 33.70 3.74 -26.78
N GLY A 330 33.16 3.93 -25.58
CA GLY A 330 32.59 5.19 -25.11
C GLY A 330 31.11 5.42 -25.39
N VAL A 331 30.43 4.44 -26.00
CA VAL A 331 29.01 4.54 -26.33
C VAL A 331 28.20 3.96 -25.16
N ASN A 332 27.80 4.82 -24.22
CA ASN A 332 27.03 4.46 -23.04
C ASN A 332 25.68 3.76 -23.41
N PRO A 333 25.19 2.80 -22.59
CA PRO A 333 23.93 2.12 -22.94
C PRO A 333 22.73 3.05 -22.97
N GLY A 334 21.95 2.95 -24.05
CA GLY A 334 20.77 3.78 -24.29
C GLY A 334 20.94 4.67 -25.50
N THR A 335 22.17 4.76 -26.04
CA THR A 335 22.50 5.60 -27.19
C THR A 335 21.95 4.99 -28.48
N ASP A 336 21.26 5.83 -29.29
CA ASP A 336 20.74 5.45 -30.60
C ASP A 336 21.89 5.46 -31.60
N PHE A 337 21.84 4.58 -32.60
CA PHE A 337 22.85 4.45 -33.66
C PHE A 337 23.00 5.76 -34.45
N LYS A 338 21.89 6.49 -34.67
CA LYS A 338 21.86 7.76 -35.39
C LYS A 338 22.53 8.89 -34.57
N ASP A 339 22.84 8.62 -33.28
CA ASP A 339 23.47 9.60 -32.37
C ASP A 339 24.98 9.35 -32.18
N ILE A 340 25.52 8.20 -32.66
CA ILE A 340 26.96 7.92 -32.51
C ILE A 340 27.74 8.72 -33.58
N PRO A 341 28.75 9.55 -33.18
CA PRO A 341 29.52 10.31 -34.19
C PRO A 341 30.22 9.41 -35.22
N ASP A 342 30.36 9.93 -36.45
CA ASP A 342 30.91 9.27 -37.65
C ASP A 342 32.28 8.57 -37.47
N ASP A 343 33.10 9.02 -36.49
CA ASP A 343 34.42 8.44 -36.22
C ASP A 343 34.32 7.02 -35.61
N TRP A 344 33.11 6.60 -35.16
CA TRP A 344 32.85 5.28 -34.58
C TRP A 344 32.97 4.19 -35.65
N VAL A 345 33.52 3.04 -35.23
CA VAL A 345 33.71 1.86 -36.06
C VAL A 345 33.13 0.64 -35.33
N CYS A 346 32.96 -0.48 -36.05
CA CYS A 346 32.48 -1.72 -35.46
C CYS A 346 33.50 -2.21 -34.44
N PRO A 347 33.09 -2.58 -33.20
CA PRO A 347 34.06 -3.04 -32.20
C PRO A 347 34.54 -4.48 -32.44
N LEU A 348 34.34 -5.03 -33.66
CA LEU A 348 34.76 -6.38 -34.01
C LEU A 348 35.59 -6.42 -35.30
N CYS A 349 35.15 -5.71 -36.38
CA CYS A 349 35.86 -5.70 -37.66
C CYS A 349 36.53 -4.33 -37.96
N GLY A 350 36.18 -3.30 -37.19
CA GLY A 350 36.76 -1.96 -37.33
C GLY A 350 36.36 -1.20 -38.58
N VAL A 351 35.12 -1.39 -39.03
CA VAL A 351 34.56 -0.71 -40.20
C VAL A 351 33.58 0.34 -39.67
N GLY A 352 33.64 1.55 -40.22
CA GLY A 352 32.79 2.68 -39.83
C GLY A 352 31.31 2.48 -40.05
N LYS A 353 30.48 3.34 -39.39
CA LYS A 353 29.01 3.35 -39.44
C LYS A 353 28.47 3.48 -40.89
N ASP A 354 29.35 3.84 -41.84
CA ASP A 354 29.05 3.98 -43.27
C ASP A 354 28.52 2.66 -43.84
N GLN A 355 29.20 1.54 -43.53
CA GLN A 355 28.82 0.20 -44.00
C GLN A 355 28.03 -0.56 -42.92
N PHE A 356 26.92 0.05 -42.44
CA PHE A 356 26.05 -0.53 -41.43
C PHE A 356 24.58 -0.43 -41.84
N GLU A 357 23.88 -1.58 -41.86
CA GLU A 357 22.47 -1.71 -42.24
C GLU A 357 21.61 -1.95 -40.99
N GLU A 358 20.41 -1.32 -40.95
CA GLU A 358 19.48 -1.48 -39.84
C GLU A 358 18.65 -2.75 -39.97
N VAL A 359 18.30 -3.35 -38.82
CA VAL A 359 17.49 -4.56 -38.75
C VAL A 359 16.02 -4.15 -38.93
N GLU A 360 15.52 -4.35 -40.17
CA GLU A 360 14.13 -4.05 -40.55
C GLU A 360 13.21 -5.06 -39.88
N CYS A 361 11.96 -4.65 -39.56
CA CYS A 361 10.93 -5.46 -38.89
C CYS A 361 11.31 -5.66 -37.40
N LEU A 362 10.57 -4.98 -36.50
CA LEU A 362 10.77 -5.02 -35.06
C LEU A 362 10.11 -6.26 -34.44
N LYS A 363 10.85 -6.96 -33.56
CA LYS A 363 10.37 -8.14 -32.84
C LYS A 363 9.48 -7.70 -31.66
N PRO A 364 8.45 -8.48 -31.26
CA PRO A 364 7.59 -8.04 -30.14
C PRO A 364 8.29 -8.05 -28.77
N SER A 365 9.38 -8.83 -28.64
CA SER A 365 10.18 -8.96 -27.41
C SER A 365 11.15 -7.77 -27.21
N ASP A 366 11.39 -6.98 -28.27
CA ASP A 366 12.31 -5.84 -28.27
C ASP A 366 11.79 -4.63 -27.47
N LEU A 367 12.74 -3.85 -26.90
CA LEU A 367 12.56 -2.64 -26.09
C LEU A 367 11.63 -2.93 -24.89
N ARG A 368 12.10 -3.87 -24.01
CA ARG A 368 11.43 -4.40 -22.82
C ARG A 368 10.04 -4.94 -23.17
N SER A 369 9.92 -5.53 -24.40
CA SER A 369 8.74 -6.11 -25.02
C SER A 369 7.58 -5.09 -25.07
N PHE A 370 7.85 -3.93 -25.68
CA PHE A 370 6.89 -2.83 -25.77
C PHE A 370 5.66 -3.19 -26.63
N LEU A 371 5.83 -3.98 -27.70
CA LEU A 371 4.72 -4.38 -28.58
C LEU A 371 3.75 -5.32 -27.87
N THR A 372 4.28 -6.21 -27.00
CA THR A 372 3.49 -7.16 -26.21
C THR A 372 2.73 -6.40 -25.10
N MET A 373 3.42 -5.44 -24.40
CA MET A 373 2.83 -4.64 -23.32
C MET A 373 1.77 -3.68 -23.88
N PHE A 374 1.90 -3.27 -25.15
CA PHE A 374 0.96 -2.39 -25.84
C PHE A 374 -0.34 -3.15 -26.09
N VAL A 375 -0.24 -4.39 -26.62
CA VAL A 375 -1.38 -5.27 -26.90
C VAL A 375 -2.17 -5.46 -25.59
N VAL A 376 -1.48 -5.77 -24.46
CA VAL A 376 -2.04 -5.95 -23.11
C VAL A 376 -3.00 -4.79 -22.78
N PHE A 377 -2.53 -3.53 -22.96
CA PHE A 377 -3.30 -2.31 -22.70
C PHE A 377 -4.52 -2.21 -23.63
N VAL A 378 -4.32 -2.45 -24.95
CA VAL A 378 -5.37 -2.38 -25.96
C VAL A 378 -6.48 -3.41 -25.62
N ILE A 379 -6.09 -4.63 -25.20
CA ILE A 379 -6.99 -5.71 -24.79
C ILE A 379 -7.77 -5.26 -23.55
N PHE A 380 -7.08 -4.65 -22.55
CA PHE A 380 -7.71 -4.13 -21.33
C PHE A 380 -8.72 -3.04 -21.66
N ALA A 381 -8.36 -2.14 -22.60
CA ALA A 381 -9.22 -1.03 -23.04
C ALA A 381 -10.51 -1.55 -23.66
N ILE A 382 -10.43 -2.51 -24.62
CA ILE A 382 -11.58 -3.14 -25.29
C ILE A 382 -12.50 -3.80 -24.25
N CYS A 383 -11.92 -4.56 -23.30
CA CYS A 383 -12.63 -5.30 -22.26
C CYS A 383 -13.43 -4.41 -21.30
N PHE A 384 -12.87 -3.24 -20.90
CA PHE A 384 -13.53 -2.37 -19.94
C PHE A 384 -14.13 -1.09 -20.53
N ALA A 385 -14.03 -0.89 -21.86
CA ALA A 385 -14.60 0.30 -22.51
C ALA A 385 -16.14 0.34 -22.41
N PRO A 386 -16.91 -0.75 -22.69
CA PRO A 386 -18.38 -0.62 -22.61
C PRO A 386 -18.92 -0.33 -21.20
N LEU A 387 -18.38 -1.00 -20.16
CA LEU A 387 -18.84 -0.83 -18.78
C LEU A 387 -18.63 0.59 -18.27
N ASN A 388 -17.49 1.20 -18.63
CA ASN A 388 -17.20 2.57 -18.23
C ASN A 388 -18.11 3.55 -18.99
N CYS A 389 -18.55 3.19 -20.22
CA CYS A 389 -19.49 3.99 -21.03
C CYS A 389 -20.88 3.97 -20.39
N ILE A 390 -21.28 2.80 -19.85
CA ILE A 390 -22.56 2.58 -19.17
C ILE A 390 -22.59 3.41 -17.88
N GLY A 391 -21.49 3.36 -17.11
CA GLY A 391 -21.32 4.12 -15.88
C GLY A 391 -21.28 5.62 -16.10
N LEU A 392 -20.81 6.04 -17.29
CA LEU A 392 -20.71 7.44 -17.72
C LEU A 392 -22.12 7.98 -18.00
N ALA A 393 -22.96 7.19 -18.68
CA ALA A 393 -24.35 7.53 -19.01
C ALA A 393 -25.19 7.74 -17.75
N VAL A 394 -24.98 6.88 -16.72
CA VAL A 394 -25.65 6.91 -15.42
C VAL A 394 -25.16 8.14 -14.62
N ALA A 395 -23.86 8.48 -14.73
CA ALA A 395 -23.25 9.63 -14.05
C ALA A 395 -23.82 10.97 -14.52
N ILE A 396 -24.23 11.05 -15.82
CA ILE A 396 -24.80 12.26 -16.41
C ILE A 396 -26.25 12.45 -15.88
N ASN A 397 -27.20 11.58 -16.30
CA ASN A 397 -28.60 11.65 -15.87
C ASN A 397 -29.23 10.25 -15.80
N PRO A 398 -29.35 9.65 -14.59
CA PRO A 398 -29.93 8.28 -14.50
C PRO A 398 -31.46 8.27 -14.41
N GLN A 399 -32.10 9.46 -14.42
CA GLN A 399 -33.56 9.62 -14.36
C GLN A 399 -34.25 9.09 -15.62
N GLU A 400 -33.52 9.08 -16.76
CA GLU A 400 -34.04 8.64 -18.05
C GLU A 400 -33.10 7.66 -18.77
N MET A 401 -31.77 7.79 -18.58
CA MET A 401 -30.77 6.95 -19.24
C MET A 401 -30.62 5.56 -18.60
N ALA A 402 -30.63 5.49 -17.25
CA ALA A 402 -30.49 4.22 -16.50
C ALA A 402 -31.61 3.20 -16.83
N PRO A 403 -32.93 3.52 -16.87
CA PRO A 403 -33.92 2.50 -17.26
C PRO A 403 -33.89 2.18 -18.75
N GLN A 404 -33.35 3.10 -19.57
CA GLN A 404 -33.24 2.95 -21.02
C GLN A 404 -32.07 2.04 -21.43
N ILE A 405 -31.08 1.81 -20.52
CA ILE A 405 -29.93 0.94 -20.79
C ILE A 405 -30.40 -0.54 -20.75
N PRO A 406 -30.28 -1.30 -21.88
CA PRO A 406 -30.77 -2.68 -21.89
C PRO A 406 -30.03 -3.60 -20.94
N GLU A 407 -30.76 -4.58 -20.37
CA GLU A 407 -30.21 -5.57 -19.44
C GLU A 407 -29.25 -6.53 -20.17
N GLY A 408 -29.56 -6.83 -21.43
CA GLY A 408 -28.75 -7.70 -22.28
C GLY A 408 -27.38 -7.12 -22.57
N LEU A 409 -27.32 -5.81 -22.86
CA LEU A 409 -26.10 -5.06 -23.15
C LEU A 409 -25.20 -4.97 -21.91
N PHE A 410 -25.81 -4.86 -20.71
CA PHE A 410 -25.10 -4.79 -19.43
C PHE A 410 -24.35 -6.09 -19.14
N VAL A 411 -25.02 -7.24 -19.33
CA VAL A 411 -24.46 -8.58 -19.11
C VAL A 411 -23.33 -8.84 -20.12
N THR A 412 -23.56 -8.49 -21.41
CA THR A 412 -22.59 -8.62 -22.52
C THR A 412 -21.33 -7.80 -22.20
N SER A 413 -21.51 -6.61 -21.61
CA SER A 413 -20.43 -5.72 -21.19
C SER A 413 -19.66 -6.31 -20.00
N TYR A 414 -20.39 -6.88 -19.02
CA TYR A 414 -19.80 -7.49 -17.82
C TYR A 414 -19.09 -8.81 -18.13
N LEU A 415 -19.51 -9.51 -19.21
CA LEU A 415 -18.90 -10.76 -19.66
C LEU A 415 -17.46 -10.53 -20.14
N LEU A 416 -17.23 -9.43 -20.90
CA LEU A 416 -15.92 -9.00 -21.40
C LEU A 416 -15.00 -8.59 -20.26
N ALA A 417 -15.55 -7.86 -19.27
CA ALA A 417 -14.85 -7.35 -18.09
C ALA A 417 -14.25 -8.49 -17.26
N TYR A 418 -14.98 -9.62 -17.14
CA TYR A 418 -14.52 -10.79 -16.39
C TYR A 418 -13.48 -11.57 -17.18
N PHE A 419 -13.71 -11.76 -18.49
CA PHE A 419 -12.87 -12.51 -19.44
C PHE A 419 -11.42 -11.99 -19.52
N ASN A 420 -11.20 -10.70 -19.23
CA ASN A 420 -9.89 -10.03 -19.25
C ASN A 420 -8.87 -10.64 -18.28
N SER A 421 -9.36 -11.22 -17.17
CA SER A 421 -8.57 -11.83 -16.09
C SER A 421 -7.70 -13.05 -16.53
N CYS A 422 -7.97 -13.67 -17.71
CA CYS A 422 -7.20 -14.83 -18.18
C CYS A 422 -6.40 -14.57 -19.50
N LEU A 423 -6.71 -13.46 -20.19
CA LEU A 423 -6.15 -13.06 -21.49
C LEU A 423 -4.67 -12.64 -21.47
N ASN A 424 -4.17 -12.10 -20.35
CA ASN A 424 -2.80 -11.61 -20.23
C ASN A 424 -1.72 -12.69 -20.53
N PRO A 425 -1.68 -13.89 -19.89
CA PRO A 425 -0.61 -14.85 -20.22
C PRO A 425 -0.71 -15.43 -21.63
N ILE A 426 -1.92 -15.37 -22.25
CA ILE A 426 -2.17 -15.84 -23.60
C ILE A 426 -1.39 -14.95 -24.58
N VAL A 427 -1.45 -13.60 -24.40
CA VAL A 427 -0.75 -12.67 -25.29
C VAL A 427 0.78 -12.71 -25.02
N TYR A 428 1.20 -13.08 -23.79
CA TYR A 428 2.63 -13.22 -23.45
C TYR A 428 3.24 -14.37 -24.26
N GLY A 429 2.52 -15.50 -24.33
CA GLY A 429 2.94 -16.69 -25.05
C GLY A 429 2.94 -16.55 -26.56
N LEU A 430 1.93 -15.85 -27.11
CA LEU A 430 1.79 -15.64 -28.56
C LEU A 430 2.75 -14.59 -29.10
N LEU A 431 3.03 -13.52 -28.35
CA LEU A 431 3.86 -12.44 -28.85
C LEU A 431 5.32 -12.50 -28.34
N ASP A 432 5.55 -12.73 -27.03
CA ASP A 432 6.90 -12.78 -26.46
C ASP A 432 7.49 -14.19 -26.56
N GLN A 433 8.59 -14.29 -27.34
CA GLN A 433 9.35 -15.51 -27.63
C GLN A 433 9.98 -16.08 -26.37
N ASN A 434 10.52 -15.20 -25.49
CA ASN A 434 11.17 -15.56 -24.23
C ASN A 434 10.16 -16.14 -23.25
N PHE A 435 8.93 -15.58 -23.23
CA PHE A 435 7.85 -16.07 -22.36
C PHE A 435 7.39 -17.44 -22.85
N ARG A 436 7.27 -17.61 -24.18
CA ARG A 436 6.89 -18.85 -24.86
C ARG A 436 7.85 -19.99 -24.48
N ARG A 437 9.18 -19.69 -24.49
CA ARG A 437 10.27 -20.60 -24.12
C ARG A 437 10.13 -21.03 -22.66
N GLU A 438 9.91 -20.04 -21.77
CA GLU A 438 9.76 -20.26 -20.33
C GLU A 438 8.49 -21.02 -19.99
N TYR A 439 7.40 -20.86 -20.80
CA TYR A 439 6.15 -21.59 -20.58
C TYR A 439 6.38 -23.09 -20.81
N LYS A 440 7.12 -23.43 -21.89
CA LYS A 440 7.49 -24.81 -22.25
C LYS A 440 8.45 -25.40 -21.22
N ARG A 441 9.39 -24.56 -20.73
CA ARG A 441 10.41 -24.89 -19.74
C ARG A 441 9.79 -25.32 -18.41
N ILE A 442 8.69 -24.67 -17.97
CA ILE A 442 8.00 -25.01 -16.72
C ILE A 442 7.15 -26.27 -16.94
N LEU A 443 6.41 -26.33 -18.06
CA LEU A 443 5.55 -27.47 -18.41
C LEU A 443 6.34 -28.78 -18.55
N LEU A 444 7.48 -28.77 -19.28
CA LEU A 444 8.33 -29.96 -19.49
C LEU A 444 9.08 -30.38 -18.21
N ALA A 445 9.25 -29.46 -17.25
CA ALA A 445 9.96 -29.71 -15.99
C ALA A 445 9.20 -30.67 -15.07
N LEU A 446 7.89 -30.43 -14.86
CA LEU A 446 7.07 -31.25 -13.95
C LEU A 446 6.38 -32.43 -14.67
N TRP A 447 6.34 -32.41 -16.02
CA TRP A 447 5.69 -33.46 -16.82
C TRP A 447 6.57 -34.71 -16.99
N ASN A 448 7.85 -34.55 -17.38
CA ASN A 448 8.74 -35.68 -17.65
C ASN A 448 9.22 -36.39 -16.34
N PRO A 449 10.15 -35.86 -15.50
CA PRO A 449 10.55 -36.63 -14.31
C PRO A 449 9.63 -36.39 -13.12
N ALA B 1 26.73 -7.60 -16.52
CA ALA B 1 25.76 -7.51 -15.43
C ALA B 1 25.83 -6.15 -14.73
N ASP B 2 24.66 -5.68 -14.20
CA ASP B 2 24.49 -4.41 -13.51
C ASP B 2 25.26 -4.36 -12.18
N LEU B 3 25.76 -3.16 -11.80
CA LEU B 3 26.50 -2.89 -10.57
C LEU B 3 25.64 -3.20 -9.33
N GLU B 4 24.34 -2.85 -9.38
CA GLU B 4 23.37 -3.10 -8.31
C GLU B 4 23.10 -4.60 -8.17
N ASP B 5 23.13 -5.34 -9.30
CA ASP B 5 22.93 -6.79 -9.36
C ASP B 5 24.18 -7.55 -8.90
N ASN B 6 25.39 -7.03 -9.24
CA ASN B 6 26.67 -7.63 -8.89
C ASN B 6 27.00 -7.45 -7.39
N TRP B 7 26.68 -6.27 -6.82
CA TRP B 7 26.93 -5.97 -5.40
C TRP B 7 26.05 -6.83 -4.49
N GLU B 8 24.81 -7.14 -4.94
CA GLU B 8 23.84 -7.97 -4.21
C GLU B 8 24.28 -9.44 -4.13
N THR B 9 24.93 -9.96 -5.21
CA THR B 9 25.43 -11.33 -5.30
C THR B 9 26.66 -11.49 -4.38
N LEU B 10 27.45 -10.41 -4.22
CA LEU B 10 28.66 -10.37 -3.40
C LEU B 10 28.33 -10.35 -1.89
N ASN B 11 27.31 -9.56 -1.48
CA ASN B 11 26.89 -9.44 -0.08
C ASN B 11 26.19 -10.71 0.42
N ASP B 12 25.42 -11.39 -0.46
CA ASP B 12 24.71 -12.63 -0.14
C ASP B 12 25.65 -13.83 -0.02
N ASN B 13 26.84 -13.74 -0.66
CA ASN B 13 27.86 -14.80 -0.65
C ASN B 13 28.83 -14.64 0.53
N LEU B 14 29.05 -13.40 1.01
CA LEU B 14 29.92 -13.07 2.14
C LEU B 14 29.31 -13.53 3.48
N LYS B 15 27.96 -13.53 3.58
CA LYS B 15 27.22 -13.97 4.75
C LYS B 15 27.07 -15.51 4.76
N VAL B 16 27.19 -16.15 3.57
CA VAL B 16 27.09 -17.60 3.39
C VAL B 16 28.31 -18.31 3.99
N ILE B 17 29.50 -17.67 3.94
CA ILE B 17 30.77 -18.17 4.48
C ILE B 17 30.67 -18.28 6.02
N GLU B 18 30.00 -17.31 6.69
CA GLU B 18 29.81 -17.29 8.14
C GLU B 18 28.91 -18.45 8.62
N LYS B 19 27.87 -18.81 7.85
CA LYS B 19 26.94 -19.88 8.19
C LYS B 19 27.25 -21.19 7.43
N ALA B 20 28.46 -21.31 6.85
CA ALA B 20 28.91 -22.50 6.10
C ALA B 20 29.20 -23.68 7.04
N ASP B 21 28.90 -24.91 6.58
CA ASP B 21 29.09 -26.14 7.34
C ASP B 21 30.42 -26.82 7.01
N ASN B 22 30.72 -27.01 5.71
CA ASN B 22 31.95 -27.66 5.24
C ASN B 22 32.87 -26.68 4.50
N ALA B 23 34.11 -27.12 4.21
CA ALA B 23 35.13 -26.35 3.50
C ALA B 23 34.76 -26.15 2.02
N ALA B 24 33.93 -27.06 1.47
CA ALA B 24 33.44 -27.00 0.08
C ALA B 24 32.45 -25.84 -0.11
N GLN B 25 31.65 -25.52 0.94
CA GLN B 25 30.68 -24.43 0.95
C GLN B 25 31.38 -23.06 0.95
N VAL B 26 32.56 -22.97 1.61
CA VAL B 26 33.39 -21.77 1.71
C VAL B 26 34.03 -21.49 0.34
N LYS B 27 34.57 -22.55 -0.32
CA LYS B 27 35.20 -22.49 -1.64
C LYS B 27 34.21 -22.12 -2.75
N ASP B 28 32.96 -22.64 -2.66
CA ASP B 28 31.89 -22.38 -3.64
C ASP B 28 31.38 -20.94 -3.54
N ALA B 29 31.46 -20.33 -2.33
CA ALA B 29 31.03 -18.96 -2.05
C ALA B 29 32.13 -17.93 -2.36
N LEU B 30 33.41 -18.32 -2.21
CA LEU B 30 34.58 -17.47 -2.47
C LEU B 30 34.78 -17.26 -3.98
N THR B 31 34.50 -18.30 -4.80
CA THR B 31 34.62 -18.26 -6.26
C THR B 31 33.56 -17.35 -6.88
N LYS B 32 32.37 -17.25 -6.22
CA LYS B 32 31.26 -16.42 -6.65
C LYS B 32 31.49 -14.96 -6.24
N MET B 33 32.12 -14.73 -5.06
CA MET B 33 32.43 -13.41 -4.53
C MET B 33 33.54 -12.73 -5.34
N ARG B 34 34.49 -13.53 -5.87
CA ARG B 34 35.62 -13.07 -6.69
C ARG B 34 35.10 -12.65 -8.10
N ALA B 35 34.15 -13.44 -8.66
CA ALA B 35 33.53 -13.21 -9.97
C ALA B 35 32.66 -11.95 -9.99
N ALA B 36 32.01 -11.64 -8.84
CA ALA B 36 31.15 -10.47 -8.65
C ALA B 36 31.99 -9.19 -8.51
N ALA B 37 33.19 -9.29 -7.92
CA ALA B 37 34.13 -8.18 -7.71
C ALA B 37 34.73 -7.74 -9.04
N LEU B 38 35.01 -8.70 -9.96
CA LEU B 38 35.58 -8.47 -11.29
C LEU B 38 34.58 -7.72 -12.20
N ASP B 39 33.29 -8.10 -12.16
CA ASP B 39 32.21 -7.47 -12.93
C ASP B 39 31.91 -6.06 -12.41
N ALA B 40 32.15 -5.83 -11.10
CA ALA B 40 31.95 -4.54 -10.43
C ALA B 40 33.09 -3.56 -10.77
N GLN B 41 34.27 -4.08 -11.12
CA GLN B 41 35.46 -3.30 -11.49
C GLN B 41 35.27 -2.61 -12.85
N LYS B 42 34.55 -3.27 -13.78
CA LYS B 42 34.27 -2.75 -15.13
C LYS B 42 32.97 -1.90 -15.17
N ALA B 43 32.49 -1.44 -14.00
CA ALA B 43 31.28 -0.63 -13.85
C ALA B 43 31.57 0.71 -13.16
N THR B 44 30.88 1.78 -13.60
CA THR B 44 31.02 3.13 -13.05
C THR B 44 30.10 3.31 -11.82
N PRO B 45 30.61 3.79 -10.66
CA PRO B 45 29.74 3.98 -9.48
C PRO B 45 28.72 5.11 -9.67
N PRO B 46 27.52 5.06 -9.02
CA PRO B 46 26.54 6.14 -9.24
C PRO B 46 26.88 7.45 -8.51
N LYS B 47 27.57 7.36 -7.34
CA LYS B 47 27.96 8.52 -6.53
C LYS B 47 29.01 9.36 -7.25
N LEU B 48 30.06 8.71 -7.81
CA LEU B 48 31.14 9.34 -8.55
C LEU B 48 30.99 9.09 -10.07
N GLU B 49 29.76 9.29 -10.59
CA GLU B 49 29.42 9.10 -12.01
C GLU B 49 30.02 10.17 -12.91
N ASP B 50 30.13 11.42 -12.39
CA ASP B 50 30.69 12.54 -13.13
C ASP B 50 32.24 12.53 -13.13
N LYS B 51 32.85 11.80 -12.17
CA LYS B 51 34.31 11.69 -12.05
C LYS B 51 34.92 10.86 -13.19
N SER B 52 36.17 11.19 -13.54
CA SER B 52 37.00 10.56 -14.59
C SER B 52 37.24 9.05 -14.29
N PRO B 53 37.46 8.17 -15.32
CA PRO B 53 37.71 6.75 -15.01
C PRO B 53 39.00 6.51 -14.23
N ASP B 54 39.99 7.42 -14.34
CA ASP B 54 41.27 7.35 -13.65
C ASP B 54 41.46 8.53 -12.66
N SER B 55 40.32 9.11 -12.16
CA SER B 55 40.26 10.22 -11.20
C SER B 55 40.82 9.78 -9.85
N PRO B 56 41.22 10.78 -9.03
CA PRO B 56 41.63 10.48 -7.64
C PRO B 56 40.49 9.94 -6.77
N GLU B 57 39.23 10.13 -7.22
CA GLU B 57 38.02 9.69 -6.53
C GLU B 57 37.56 8.30 -7.03
N MET B 58 37.44 8.11 -8.37
CA MET B 58 36.99 6.87 -8.99
C MET B 58 38.07 5.76 -8.96
N LYS B 59 39.37 6.13 -9.12
CA LYS B 59 40.47 5.17 -9.10
C LYS B 59 40.74 4.65 -7.67
N ASP B 60 40.28 5.40 -6.64
CA ASP B 60 40.39 5.02 -5.22
C ASP B 60 39.45 3.84 -4.94
N PHE B 61 38.33 3.75 -5.69
CA PHE B 61 37.33 2.68 -5.61
C PHE B 61 37.82 1.42 -6.33
N ARG B 62 38.59 1.60 -7.43
CA ARG B 62 39.19 0.52 -8.24
C ARG B 62 40.23 -0.25 -7.41
N HIS B 63 41.02 0.47 -6.60
CA HIS B 63 42.05 -0.08 -5.71
C HIS B 63 41.41 -0.85 -4.56
N GLY B 64 40.24 -0.39 -4.10
CA GLY B 64 39.46 -1.04 -3.05
C GLY B 64 38.91 -2.39 -3.50
N PHE B 65 38.67 -2.52 -4.82
CA PHE B 65 38.19 -3.75 -5.47
C PHE B 65 39.35 -4.73 -5.71
N ASP B 66 40.60 -4.21 -5.75
CA ASP B 66 41.81 -5.01 -5.95
C ASP B 66 42.22 -5.72 -4.65
N ILE B 67 42.14 -5.01 -3.51
CA ILE B 67 42.49 -5.52 -2.17
C ILE B 67 41.46 -6.60 -1.75
N LEU B 68 40.15 -6.34 -2.00
CA LEU B 68 39.05 -7.25 -1.67
C LEU B 68 39.15 -8.58 -2.48
N VAL B 69 39.65 -8.50 -3.73
CA VAL B 69 39.83 -9.66 -4.61
C VAL B 69 41.06 -10.46 -4.18
N GLY B 70 42.13 -9.75 -3.77
CA GLY B 70 43.38 -10.31 -3.28
C GLY B 70 43.27 -10.93 -1.90
N GLN B 71 42.33 -10.42 -1.08
CA GLN B 71 42.04 -10.96 0.25
C GLN B 71 41.18 -12.22 0.09
N ILE B 72 40.36 -12.28 -0.99
CA ILE B 72 39.49 -13.40 -1.37
C ILE B 72 40.32 -14.57 -1.91
N ASP B 73 41.46 -14.27 -2.58
CA ASP B 73 42.40 -15.25 -3.13
C ASP B 73 43.08 -16.05 -2.00
N ASP B 74 43.53 -15.32 -0.96
CA ASP B 74 44.22 -15.83 0.23
C ASP B 74 43.25 -16.64 1.10
N ALA B 75 41.96 -16.28 1.06
CA ALA B 75 40.89 -16.99 1.78
C ALA B 75 40.48 -18.26 1.02
N LEU B 76 40.63 -18.27 -0.31
CA LEU B 76 40.33 -19.41 -1.18
C LEU B 76 41.45 -20.46 -1.13
N LYS B 77 42.68 -20.03 -0.77
CA LYS B 77 43.87 -20.88 -0.66
C LYS B 77 43.80 -21.79 0.58
N LEU B 78 43.26 -21.26 1.70
CA LEU B 78 43.14 -21.99 2.97
C LEU B 78 41.89 -22.91 3.00
N ALA B 79 40.89 -22.65 2.13
CA ALA B 79 39.64 -23.42 2.03
C ALA B 79 39.77 -24.62 1.08
N ASN B 80 40.60 -24.50 0.02
CA ASN B 80 40.83 -25.56 -0.97
C ASN B 80 41.58 -26.76 -0.37
N GLU B 81 42.47 -26.50 0.61
CA GLU B 81 43.28 -27.52 1.29
C GLU B 81 42.41 -28.46 2.13
N GLY B 82 41.41 -27.89 2.81
CA GLY B 82 40.48 -28.63 3.66
C GLY B 82 40.07 -27.90 4.93
N LYS B 83 40.88 -26.90 5.35
CA LYS B 83 40.65 -26.08 6.54
C LYS B 83 39.47 -25.12 6.32
N VAL B 84 38.62 -24.94 7.35
CA VAL B 84 37.44 -24.07 7.25
C VAL B 84 37.23 -23.21 8.51
N LYS B 85 37.83 -23.60 9.66
CA LYS B 85 37.68 -22.88 10.93
C LYS B 85 38.36 -21.51 10.91
N GLU B 86 39.67 -21.47 10.59
CA GLU B 86 40.47 -20.24 10.54
C GLU B 86 40.38 -19.53 9.17
N ALA B 87 39.96 -20.27 8.12
CA ALA B 87 39.82 -19.78 6.74
C ALA B 87 38.60 -18.85 6.60
N GLN B 88 37.58 -19.06 7.47
CA GLN B 88 36.30 -18.33 7.51
C GLN B 88 36.36 -17.16 8.51
N ALA B 89 37.15 -17.28 9.60
CA ALA B 89 37.32 -16.26 10.63
C ALA B 89 38.16 -15.10 10.11
N ALA B 90 39.22 -15.41 9.34
CA ALA B 90 40.13 -14.42 8.74
C ALA B 90 39.47 -13.70 7.56
N ALA B 91 38.56 -14.38 6.82
CA ALA B 91 37.83 -13.81 5.68
C ALA B 91 36.81 -12.75 6.15
N GLU B 92 36.31 -12.91 7.40
CA GLU B 92 35.37 -11.99 8.06
C GLU B 92 36.09 -10.69 8.42
N GLN B 93 37.38 -10.80 8.80
CA GLN B 93 38.24 -9.66 9.14
C GLN B 93 38.62 -8.88 7.89
N LEU B 94 38.70 -9.58 6.72
CA LEU B 94 39.03 -8.98 5.42
C LEU B 94 37.85 -8.16 4.88
N LYS B 95 36.60 -8.62 5.16
CA LYS B 95 35.36 -7.95 4.74
C LYS B 95 35.16 -6.63 5.50
N THR B 96 35.61 -6.57 6.78
CA THR B 96 35.52 -5.37 7.62
C THR B 96 36.53 -4.31 7.19
N THR B 97 37.75 -4.74 6.76
CA THR B 97 38.82 -3.87 6.30
C THR B 97 38.53 -3.35 4.88
N ARG B 98 37.70 -4.09 4.09
CA ARG B 98 37.30 -3.74 2.73
C ARG B 98 36.19 -2.66 2.72
N ASN B 99 35.52 -2.46 3.88
CA ASN B 99 34.49 -1.44 4.09
C ASN B 99 35.15 -0.10 4.48
N ALA B 100 36.29 -0.19 5.18
CA ALA B 100 37.09 0.95 5.62
C ALA B 100 37.91 1.54 4.46
N TYR B 101 38.34 0.70 3.50
CA TYR B 101 39.13 1.08 2.32
C TYR B 101 38.22 1.54 1.17
N ILE B 102 37.22 0.72 0.80
CA ILE B 102 36.27 1.03 -0.28
C ILE B 102 34.97 1.59 0.30
N GLN B 103 34.59 2.80 -0.15
CA GLN B 103 33.37 3.50 0.30
C GLN B 103 32.11 2.85 -0.30
N LYS B 104 32.24 2.18 -1.46
CA LYS B 104 31.16 1.49 -2.17
C LYS B 104 30.76 0.19 -1.46
N TYR B 105 31.76 -0.51 -0.86
CA TYR B 105 31.57 -1.76 -0.10
C TYR B 105 30.85 -1.50 1.23
N LEU B 106 31.16 -0.37 1.89
CA LEU B 106 30.56 0.06 3.16
C LEU B 106 29.11 0.55 2.96
N GLY B 107 28.85 1.21 1.83
CA GLY B 107 27.54 1.72 1.45
C GLY B 107 26.49 0.66 1.21
N ASP B 108 26.95 -0.60 1.00
CA ASP B 108 26.13 -1.79 0.77
C ASP B 108 25.75 -2.48 2.11
N GLY B 109 26.68 -2.46 3.08
CA GLY B 109 26.51 -3.06 4.40
C GLY B 109 25.83 -2.17 5.42
N ALA B 110 26.12 -0.84 5.39
CA ALA B 110 25.57 0.17 6.31
C ALA B 110 24.07 0.44 6.05
N ARG B 111 23.47 -0.22 5.04
CA ARG B 111 22.05 -0.10 4.70
C ARG B 111 21.61 -1.36 3.90
N PRO B 112 20.92 -2.34 4.54
CA PRO B 112 20.44 -3.52 3.81
C PRO B 112 19.39 -3.14 2.77
N SER B 113 19.27 -3.96 1.72
CA SER B 113 18.38 -3.76 0.57
C SER B 113 16.94 -3.31 0.91
N TRP B 114 16.34 -3.84 2.00
CA TRP B 114 14.96 -3.56 2.38
C TRP B 114 14.75 -2.22 3.09
N VAL B 115 15.75 -1.71 3.82
CA VAL B 115 15.68 -0.49 4.62
C VAL B 115 15.27 0.74 3.78
N ALA B 116 15.99 1.05 2.68
CA ALA B 116 15.72 2.22 1.81
C ALA B 116 14.27 2.22 1.26
N PRO B 117 13.73 1.17 0.60
CA PRO B 117 12.34 1.27 0.10
C PRO B 117 11.26 1.19 1.21
N ALA B 118 11.57 0.56 2.37
CA ALA B 118 10.63 0.41 3.48
C ALA B 118 10.37 1.75 4.18
N LEU B 119 11.44 2.44 4.63
CA LEU B 119 11.36 3.73 5.33
C LEU B 119 10.62 4.75 4.47
N SER B 120 10.96 4.84 3.16
CA SER B 120 10.31 5.75 2.21
C SER B 120 8.83 5.44 2.07
N ALA B 121 8.47 4.14 1.98
CA ALA B 121 7.08 3.70 1.91
C ALA B 121 6.33 4.05 3.18
N VAL B 122 6.96 3.85 4.35
CA VAL B 122 6.36 4.14 5.66
C VAL B 122 6.15 5.67 5.81
N LEU B 123 7.18 6.49 5.48
CA LEU B 123 7.11 7.95 5.59
C LEU B 123 6.07 8.54 4.64
N ILE B 124 5.95 8.02 3.40
CA ILE B 124 4.95 8.49 2.44
C ILE B 124 3.55 8.29 3.07
N VAL B 125 3.24 7.05 3.51
CA VAL B 125 1.98 6.64 4.13
C VAL B 125 1.72 7.49 5.40
N THR B 126 2.74 7.67 6.27
CA THR B 126 2.62 8.44 7.51
C THR B 126 2.32 9.91 7.19
N THR B 127 3.17 10.59 6.37
CA THR B 127 3.03 11.98 5.96
C THR B 127 1.65 12.26 5.34
N ALA B 128 1.19 11.36 4.44
CA ALA B 128 -0.09 11.50 3.74
C ALA B 128 -1.29 11.41 4.68
N VAL B 129 -1.31 10.41 5.60
CA VAL B 129 -2.43 10.24 6.54
C VAL B 129 -2.37 11.35 7.61
N ASP B 130 -1.16 11.76 8.01
CA ASP B 130 -0.90 12.82 9.00
C ASP B 130 -1.48 14.16 8.56
N VAL B 131 -1.05 14.67 7.38
CA VAL B 131 -1.46 15.96 6.83
C VAL B 131 -3.00 16.04 6.67
N VAL B 132 -3.69 14.95 6.28
CA VAL B 132 -5.14 14.95 6.06
C VAL B 132 -5.88 14.71 7.39
N GLY B 133 -5.63 13.58 8.03
CA GLY B 133 -6.25 13.14 9.27
C GLY B 133 -6.18 14.13 10.42
N ASN B 134 -4.94 14.58 10.76
CA ASN B 134 -4.71 15.53 11.86
C ASN B 134 -5.24 16.92 11.51
N LEU B 135 -5.42 17.23 10.21
CA LEU B 135 -6.00 18.49 9.77
C LEU B 135 -7.51 18.49 10.01
N LEU B 136 -8.15 17.32 9.83
CA LEU B 136 -9.59 17.11 10.07
C LEU B 136 -9.90 17.23 11.56
N VAL B 137 -8.95 16.83 12.44
CA VAL B 137 -9.07 16.92 13.89
C VAL B 137 -9.13 18.41 14.26
N ILE B 138 -8.16 19.22 13.75
CA ILE B 138 -8.08 20.67 13.96
C ILE B 138 -9.43 21.32 13.55
N LEU B 139 -9.90 21.00 12.33
CA LEU B 139 -11.14 21.51 11.74
C LEU B 139 -12.39 21.12 12.52
N SER B 140 -12.46 19.87 13.02
CA SER B 140 -13.62 19.38 13.78
C SER B 140 -13.75 20.07 15.15
N VAL B 141 -12.62 20.38 15.80
CA VAL B 141 -12.60 21.04 17.10
C VAL B 141 -12.89 22.56 16.93
N LEU B 142 -12.41 23.16 15.83
CA LEU B 142 -12.60 24.59 15.55
C LEU B 142 -14.06 24.95 15.26
N ARG B 143 -14.83 24.06 14.60
CA ARG B 143 -16.24 24.28 14.22
C ARG B 143 -17.13 24.70 15.40
N ASN B 144 -17.93 25.78 15.19
CA ASN B 144 -18.90 26.37 16.12
C ASN B 144 -18.35 26.56 17.56
N ARG B 145 -19.18 26.28 18.60
CA ARG B 145 -18.87 26.45 20.02
C ARG B 145 -18.14 25.23 20.64
N LYS B 146 -17.43 24.44 19.82
CA LYS B 146 -16.69 23.27 20.28
C LYS B 146 -15.46 23.66 21.11
N LEU B 147 -14.84 24.82 20.76
CA LEU B 147 -13.62 25.35 21.37
C LEU B 147 -13.64 25.44 22.90
N ARG B 148 -14.82 25.68 23.52
CA ARG B 148 -14.90 25.84 24.97
C ARG B 148 -14.97 24.49 25.72
N ASN B 149 -13.88 23.71 25.62
CA ASN B 149 -13.71 22.42 26.31
C ASN B 149 -12.25 22.19 26.71
N ALA B 150 -12.06 21.48 27.84
CA ALA B 150 -10.76 21.14 28.42
C ALA B 150 -9.94 20.27 27.46
N GLY B 151 -10.39 19.03 27.25
CA GLY B 151 -9.75 18.04 26.39
C GLY B 151 -9.62 18.44 24.94
N ASN B 152 -10.58 19.24 24.41
CA ASN B 152 -10.62 19.72 23.01
C ASN B 152 -9.40 20.55 22.66
N LEU B 153 -8.90 21.35 23.61
CA LEU B 153 -7.70 22.17 23.43
C LEU B 153 -6.46 21.28 23.38
N PHE B 154 -6.44 20.20 24.18
CA PHE B 154 -5.34 19.24 24.23
C PHE B 154 -5.26 18.43 22.93
N LEU B 155 -6.41 18.23 22.24
CA LEU B 155 -6.49 17.52 20.97
C LEU B 155 -5.78 18.33 19.88
N VAL B 156 -5.93 19.67 19.91
CA VAL B 156 -5.32 20.63 18.98
C VAL B 156 -3.79 20.63 19.20
N SER B 157 -3.36 20.53 20.47
CA SER B 157 -1.95 20.50 20.86
C SER B 157 -1.23 19.29 20.23
N LEU B 158 -1.80 18.07 20.41
CA LEU B 158 -1.24 16.83 19.85
C LEU B 158 -1.29 16.82 18.32
N ALA B 159 -2.35 17.40 17.73
CA ALA B 159 -2.53 17.47 16.28
C ALA B 159 -1.43 18.30 15.62
N LEU B 160 -1.05 19.43 16.22
CA LEU B 160 0.03 20.28 15.71
C LEU B 160 1.40 19.61 15.95
N ALA B 161 1.53 18.81 17.03
CA ALA B 161 2.74 18.06 17.38
C ALA B 161 2.99 16.99 16.32
N ASP B 162 1.91 16.34 15.86
CA ASP B 162 1.93 15.32 14.81
C ASP B 162 2.09 15.97 13.44
N LEU B 163 1.40 17.10 13.18
CA LEU B 163 1.41 17.78 11.88
C LEU B 163 2.75 18.40 11.50
N VAL B 164 3.42 19.14 12.41
CA VAL B 164 4.67 19.86 12.14
C VAL B 164 5.78 18.90 11.59
N VAL B 165 5.88 17.66 12.11
CA VAL B 165 6.88 16.68 11.70
C VAL B 165 6.66 16.24 10.22
N ALA B 166 5.41 16.27 9.72
CA ALA B 166 5.06 15.90 8.35
C ALA B 166 5.40 17.00 7.35
N PHE B 167 5.42 18.27 7.82
CA PHE B 167 5.66 19.44 6.99
C PHE B 167 7.14 19.84 6.82
N TYR B 168 8.05 19.44 7.75
CA TYR B 168 9.45 19.85 7.62
C TYR B 168 10.44 18.66 7.65
N PRO B 169 10.64 17.87 8.75
CA PRO B 169 11.67 16.81 8.67
C PRO B 169 11.31 15.64 7.75
N TYR B 170 10.08 15.09 7.80
CA TYR B 170 9.69 13.94 6.97
C TYR B 170 9.95 14.18 5.46
N PRO B 171 9.57 15.31 4.82
CA PRO B 171 9.89 15.48 3.38
C PRO B 171 11.38 15.52 3.09
N LEU B 172 12.21 16.07 4.00
CA LEU B 172 13.66 16.15 3.81
C LEU B 172 14.29 14.76 3.88
N ILE B 173 13.81 13.89 4.79
CA ILE B 173 14.31 12.51 4.95
C ILE B 173 14.03 11.74 3.67
N LEU B 174 12.83 11.94 3.08
CA LEU B 174 12.43 11.29 1.84
C LEU B 174 13.36 11.72 0.70
N VAL B 175 13.88 12.96 0.75
CA VAL B 175 14.86 13.46 -0.23
C VAL B 175 16.21 12.76 0.05
N ALA B 176 16.58 12.62 1.35
CA ALA B 176 17.83 11.99 1.81
C ALA B 176 17.91 10.49 1.46
N ILE B 177 16.76 9.79 1.30
CA ILE B 177 16.72 8.37 0.92
C ILE B 177 17.06 8.25 -0.58
N PHE B 178 16.34 9.02 -1.42
CA PHE B 178 16.47 9.07 -2.88
C PHE B 178 17.80 9.65 -3.36
N TYR B 179 18.44 10.54 -2.56
CA TYR B 179 19.73 11.16 -2.90
C TYR B 179 20.90 10.49 -2.18
N ASP B 180 20.61 9.48 -1.31
CA ASP B 180 21.55 8.67 -0.53
C ASP B 180 22.55 9.56 0.22
N GLY B 181 22.09 10.10 1.33
CA GLY B 181 22.84 11.01 2.18
C GLY B 181 22.10 12.32 2.39
N TRP B 182 22.45 13.05 3.47
CA TRP B 182 21.80 14.32 3.79
C TRP B 182 22.16 15.38 2.74
N ALA B 183 21.23 15.60 1.78
CA ALA B 183 21.35 16.52 0.66
C ALA B 183 21.25 17.99 1.08
N PHE B 184 20.68 18.25 2.28
CA PHE B 184 20.52 19.61 2.81
C PHE B 184 21.71 19.97 3.72
N GLY B 185 21.79 21.25 4.10
CA GLY B 185 22.89 21.75 4.91
C GLY B 185 22.91 21.26 6.34
N GLU B 186 23.95 21.64 7.10
CA GLU B 186 24.12 21.29 8.51
C GLU B 186 23.08 22.02 9.35
N GLU B 187 22.65 23.22 8.88
CA GLU B 187 21.63 24.06 9.53
C GLU B 187 20.30 23.30 9.57
N HIS B 188 19.83 22.82 8.40
CA HIS B 188 18.59 22.05 8.24
C HIS B 188 18.67 20.69 8.93
N CYS B 189 19.89 20.17 9.16
CA CYS B 189 20.11 18.86 9.78
C CYS B 189 19.73 18.87 11.26
N LYS B 190 20.38 19.75 12.06
CA LYS B 190 20.15 19.86 13.50
C LYS B 190 18.73 20.38 13.82
N ALA B 191 18.18 21.23 12.93
CA ALA B 191 16.82 21.79 13.04
C ALA B 191 15.76 20.70 12.90
N SER B 192 15.91 19.80 11.89
CA SER B 192 15.02 18.67 11.62
C SER B 192 14.97 17.74 12.81
N ALA B 193 16.13 17.46 13.42
CA ALA B 193 16.29 16.61 14.60
C ALA B 193 15.63 17.25 15.82
N PHE B 194 15.69 18.60 15.92
CA PHE B 194 15.10 19.39 17.00
C PHE B 194 13.56 19.43 16.90
N VAL B 195 13.02 19.61 15.67
CA VAL B 195 11.58 19.63 15.37
C VAL B 195 10.95 18.29 15.81
N MET B 196 11.63 17.17 15.50
CA MET B 196 11.24 15.81 15.86
C MET B 196 11.26 15.60 17.38
N GLY B 197 12.20 16.26 18.06
CA GLY B 197 12.34 16.20 19.51
C GLY B 197 11.10 16.74 20.19
N LEU B 198 10.64 17.92 19.76
CA LEU B 198 9.42 18.55 20.27
C LEU B 198 8.21 17.66 19.99
N SER B 199 8.09 17.14 18.74
CA SER B 199 7.01 16.28 18.30
C SER B 199 6.90 15.02 19.15
N VAL B 200 8.04 14.39 19.52
CA VAL B 200 8.02 13.15 20.30
C VAL B 200 7.86 13.46 21.80
N ILE B 201 8.83 14.21 22.41
CA ILE B 201 8.82 14.53 23.86
C ILE B 201 7.54 15.30 24.24
N GLY B 202 7.17 16.30 23.42
CA GLY B 202 5.97 17.09 23.62
C GLY B 202 4.68 16.29 23.61
N SER B 203 4.65 15.19 22.82
CA SER B 203 3.49 14.31 22.75
C SER B 203 3.34 13.49 24.03
N VAL B 204 4.47 13.06 24.65
CA VAL B 204 4.49 12.29 25.91
C VAL B 204 3.86 13.12 27.01
N TRP B 205 4.26 14.39 27.13
CA TRP B 205 3.79 15.28 28.18
C TRP B 205 2.36 15.78 27.91
N ASN B 206 1.88 15.74 26.64
CA ASN B 206 0.50 16.12 26.37
C ASN B 206 -0.39 14.98 26.81
N ILE B 207 0.04 13.71 26.53
CA ILE B 207 -0.66 12.48 26.90
C ILE B 207 -0.76 12.39 28.45
N THR B 208 0.35 12.70 29.17
CA THR B 208 0.39 12.67 30.65
C THR B 208 -0.61 13.66 31.27
N ALA B 209 -0.61 14.90 30.75
CA ALA B 209 -1.49 15.97 31.20
C ALA B 209 -2.96 15.58 31.00
N ILE B 210 -3.26 14.86 29.90
CA ILE B 210 -4.58 14.34 29.55
C ILE B 210 -4.96 13.22 30.53
N ALA B 211 -4.00 12.32 30.84
CA ALA B 211 -4.19 11.20 31.76
C ALA B 211 -4.48 11.68 33.19
N ILE B 212 -3.79 12.75 33.63
CA ILE B 212 -3.95 13.35 34.96
C ILE B 212 -5.33 14.06 35.03
N ASP B 213 -5.70 14.80 33.95
CA ASP B 213 -6.98 15.52 33.80
C ASP B 213 -8.14 14.53 33.86
N ARG B 214 -8.00 13.37 33.17
CA ARG B 214 -9.00 12.31 33.15
C ARG B 214 -8.89 11.39 34.38
N TYR B 215 -7.84 11.57 35.22
CA TYR B 215 -7.72 10.84 36.48
C TYR B 215 -8.48 11.63 37.55
N LEU B 216 -8.28 12.96 37.59
CA LEU B 216 -8.92 13.86 38.55
C LEU B 216 -10.42 14.08 38.22
N TYR B 217 -10.83 13.92 36.94
CA TYR B 217 -12.23 14.06 36.52
C TYR B 217 -13.05 12.86 36.97
N ILE B 218 -12.53 11.62 36.79
CA ILE B 218 -13.21 10.38 37.16
C ILE B 218 -13.05 10.18 38.68
N CYS B 219 -11.81 9.94 39.16
CA CYS B 219 -11.52 9.79 40.59
C CYS B 219 -11.36 11.18 41.19
N HIS B 220 -11.89 11.42 42.41
CA HIS B 220 -11.87 12.72 43.12
C HIS B 220 -12.60 13.80 42.26
N SER B 221 -13.81 13.46 41.78
CA SER B 221 -14.67 14.31 40.94
C SER B 221 -15.23 15.53 41.71
N MET B 222 -15.37 15.41 43.05
CA MET B 222 -15.86 16.48 43.93
C MET B 222 -14.79 17.55 44.08
N ALA B 223 -13.53 17.12 44.28
CA ALA B 223 -12.34 17.97 44.41
C ALA B 223 -12.03 18.67 43.08
N TYR B 224 -12.21 17.95 41.95
CA TYR B 224 -11.98 18.42 40.58
C TYR B 224 -12.90 19.60 40.24
N HIS B 225 -14.24 19.44 40.42
CA HIS B 225 -15.25 20.46 40.10
C HIS B 225 -14.99 21.77 40.87
N ARG B 226 -14.32 21.70 42.04
CA ARG B 226 -13.95 22.85 42.87
C ARG B 226 -12.85 23.66 42.15
N ILE B 227 -11.96 22.95 41.42
CA ILE B 227 -10.83 23.53 40.68
C ILE B 227 -11.27 23.91 39.25
N TYR B 228 -11.13 25.20 38.89
CA TYR B 228 -11.49 25.73 37.57
C TYR B 228 -10.63 25.13 36.46
N ARG B 229 -11.20 24.90 35.28
CA ARG B 229 -10.49 24.33 34.12
C ARG B 229 -10.54 25.28 32.92
N ARG B 230 -11.11 26.49 33.12
CA ARG B 230 -11.31 27.52 32.10
C ARG B 230 -9.97 28.02 31.54
N TRP B 231 -9.19 28.74 32.36
CA TRP B 231 -7.90 29.31 31.97
C TRP B 231 -6.75 28.40 32.39
N HIS B 232 -7.06 27.28 33.04
CA HIS B 232 -6.06 26.34 33.53
C HIS B 232 -5.43 25.50 32.42
N THR B 233 -6.24 24.84 31.55
CA THR B 233 -5.71 23.99 30.47
C THR B 233 -4.91 24.79 29.41
N PRO B 234 -5.29 26.02 28.92
CA PRO B 234 -4.42 26.70 27.94
C PRO B 234 -3.05 27.07 28.53
N LEU B 235 -2.99 27.25 29.86
CA LEU B 235 -1.75 27.53 30.60
C LEU B 235 -0.90 26.26 30.67
N HIS B 236 -1.52 25.11 30.99
CA HIS B 236 -0.86 23.81 31.09
C HIS B 236 -0.23 23.39 29.77
N ILE B 237 -0.93 23.63 28.63
CA ILE B 237 -0.47 23.32 27.27
C ILE B 237 0.75 24.20 26.96
N CYS B 238 0.70 25.49 27.33
CA CYS B 238 1.80 26.44 27.14
C CYS B 238 3.04 26.02 27.96
N LEU B 239 2.81 25.57 29.21
CA LEU B 239 3.85 25.14 30.14
C LEU B 239 4.57 23.89 29.65
N ILE B 240 3.83 22.83 29.26
CA ILE B 240 4.39 21.54 28.80
C ILE B 240 5.25 21.73 27.54
N TRP B 241 4.90 22.71 26.67
CA TRP B 241 5.66 22.99 25.44
C TRP B 241 6.97 23.69 25.76
N LEU B 242 6.97 24.63 26.74
CA LEU B 242 8.17 25.33 27.17
C LEU B 242 9.10 24.39 27.94
N LEU B 243 8.51 23.43 28.69
CA LEU B 243 9.23 22.39 29.43
C LEU B 243 9.98 21.45 28.47
N THR B 244 9.37 21.16 27.28
CA THR B 244 9.93 20.32 26.21
C THR B 244 11.17 21.01 25.60
N VAL B 245 11.07 22.33 25.25
CA VAL B 245 12.16 23.13 24.65
C VAL B 245 13.40 23.12 25.57
N VAL B 246 13.19 23.24 26.90
CA VAL B 246 14.21 23.21 27.95
C VAL B 246 14.93 21.84 27.96
N ALA B 247 14.15 20.74 27.95
CA ALA B 247 14.63 19.35 27.97
C ALA B 247 15.47 18.98 26.73
N LEU B 248 15.26 19.70 25.61
CA LEU B 248 15.91 19.49 24.31
C LEU B 248 17.22 20.29 24.12
N LEU B 249 17.44 21.34 24.95
CA LEU B 249 18.62 22.22 24.90
C LEU B 249 19.97 21.50 25.14
N PRO B 250 20.13 20.49 26.05
CA PRO B 250 21.45 19.84 26.23
C PRO B 250 22.01 19.16 24.96
N ASN B 251 21.16 18.92 23.93
CA ASN B 251 21.55 18.34 22.64
C ASN B 251 22.54 19.26 21.91
N PHE B 252 22.35 20.58 22.02
CA PHE B 252 23.19 21.61 21.39
C PHE B 252 24.59 21.65 22.00
N PHE B 253 24.71 21.34 23.31
CA PHE B 253 26.00 21.36 24.02
C PHE B 253 26.72 20.02 23.91
N VAL B 254 25.96 18.89 23.95
CA VAL B 254 26.53 17.54 23.85
C VAL B 254 26.89 17.22 22.37
N GLY B 255 26.03 17.64 21.43
CA GLY B 255 26.22 17.38 20.01
C GLY B 255 25.67 16.02 19.62
N SER B 256 24.43 15.72 20.06
CA SER B 256 23.73 14.46 19.82
C SER B 256 22.86 14.53 18.56
N LEU B 257 22.56 15.75 18.07
CA LEU B 257 21.77 15.93 16.85
C LEU B 257 22.71 15.91 15.64
N GLU B 258 22.78 14.75 14.96
CA GLU B 258 23.62 14.52 13.78
C GLU B 258 22.95 13.50 12.81
N TYR B 259 23.43 13.43 11.56
CA TYR B 259 22.89 12.54 10.53
C TYR B 259 23.26 11.08 10.81
N ASP B 260 22.22 10.24 10.90
CA ASP B 260 22.35 8.80 11.08
C ASP B 260 22.11 8.15 9.72
N PRO B 261 23.16 7.58 9.09
CA PRO B 261 22.98 6.97 7.75
C PRO B 261 22.15 5.68 7.74
N ARG B 262 22.03 4.97 8.89
CA ARG B 262 21.25 3.72 9.03
C ARG B 262 19.78 3.92 8.70
N ILE B 263 19.22 5.06 9.13
CA ILE B 263 17.81 5.40 8.95
C ILE B 263 17.63 6.61 8.02
N TYR B 264 18.72 7.01 7.29
CA TYR B 264 18.78 8.12 6.33
C TYR B 264 18.27 9.46 6.91
N SER B 265 18.05 9.55 8.23
CA SER B 265 17.51 10.75 8.87
C SER B 265 18.45 11.37 9.90
N CYS B 266 18.47 12.71 9.94
CA CYS B 266 19.23 13.52 10.89
C CYS B 266 18.42 13.56 12.18
N THR B 267 18.88 12.79 13.19
CA THR B 267 18.17 12.60 14.46
C THR B 267 19.12 12.65 15.69
N PHE B 268 18.63 12.19 16.86
CA PHE B 268 19.33 12.13 18.14
C PHE B 268 20.14 10.83 18.24
N ILE B 269 21.46 10.94 18.52
CA ILE B 269 22.39 9.82 18.64
C ILE B 269 22.52 9.41 20.11
N GLN B 270 22.30 8.10 20.36
CA GLN B 270 22.32 7.45 21.67
C GLN B 270 23.74 7.28 22.24
N THR B 271 24.76 7.15 21.36
CA THR B 271 26.16 6.94 21.75
C THR B 271 26.94 8.26 21.99
N ALA B 272 26.31 9.43 21.75
CA ALA B 272 26.94 10.74 21.96
C ALA B 272 27.15 11.04 23.45
N SER B 273 26.21 10.61 24.32
CA SER B 273 26.24 10.78 25.79
C SER B 273 25.33 9.75 26.45
N THR B 274 25.92 8.83 27.24
CA THR B 274 25.18 7.78 27.96
C THR B 274 24.38 8.39 29.13
N GLN B 275 24.88 9.50 29.71
CA GLN B 275 24.24 10.22 30.83
C GLN B 275 22.94 10.92 30.38
N TYR B 276 22.98 11.63 29.23
CA TYR B 276 21.83 12.35 28.69
C TYR B 276 20.74 11.40 28.20
N THR B 277 21.13 10.31 27.52
CA THR B 277 20.20 9.28 27.03
C THR B 277 19.47 8.62 28.18
N ALA B 278 20.16 8.38 29.32
CA ALA B 278 19.59 7.79 30.52
C ALA B 278 18.37 8.61 30.97
N ALA B 279 18.51 9.95 30.95
CA ALA B 279 17.44 10.88 31.30
C ALA B 279 16.32 10.85 30.26
N VAL B 280 16.67 10.80 28.95
CA VAL B 280 15.70 10.76 27.84
C VAL B 280 14.85 9.46 27.95
N VAL B 281 15.48 8.32 28.28
CA VAL B 281 14.81 7.03 28.41
C VAL B 281 14.00 6.96 29.73
N VAL B 282 14.54 7.44 30.86
CA VAL B 282 13.83 7.33 32.15
C VAL B 282 12.85 8.51 32.36
N ILE B 283 13.38 9.75 32.49
CA ILE B 283 12.61 10.97 32.78
C ILE B 283 11.60 11.31 31.66
N HIS B 284 11.89 10.96 30.38
CA HIS B 284 10.97 11.32 29.30
C HIS B 284 10.28 10.12 28.61
N PHE B 285 10.23 8.94 29.28
CA PHE B 285 9.50 7.77 28.77
C PHE B 285 9.07 6.84 29.91
N LEU B 286 10.00 6.12 30.56
CA LEU B 286 9.72 5.15 31.64
C LEU B 286 8.92 5.76 32.80
N LEU B 287 9.31 6.96 33.29
CA LEU B 287 8.61 7.64 34.38
C LEU B 287 7.21 8.12 33.88
N PRO B 288 7.05 8.94 32.80
CA PRO B 288 5.70 9.35 32.38
C PRO B 288 4.79 8.19 31.97
N ILE B 289 5.33 7.04 31.45
CA ILE B 289 4.52 5.88 31.08
C ILE B 289 3.97 5.25 32.37
N ALA B 290 4.82 5.16 33.42
CA ALA B 290 4.48 4.60 34.73
C ALA B 290 3.37 5.40 35.44
N VAL B 291 3.43 6.75 35.41
CA VAL B 291 2.43 7.59 36.08
C VAL B 291 1.08 7.51 35.33
N VAL B 292 1.12 7.41 33.98
CA VAL B 292 -0.07 7.31 33.14
C VAL B 292 -0.71 5.93 33.36
N SER B 293 0.12 4.90 33.54
CA SER B 293 -0.35 3.53 33.82
C SER B 293 -1.13 3.51 35.13
N PHE B 294 -0.62 4.24 36.17
CA PHE B 294 -1.25 4.36 37.49
C PHE B 294 -2.57 5.11 37.39
N CYS B 295 -2.63 6.15 36.52
CA CYS B 295 -3.80 6.97 36.29
C CYS B 295 -4.95 6.13 35.72
N TYR B 296 -4.72 5.44 34.58
CA TYR B 296 -5.73 4.61 33.93
C TYR B 296 -6.04 3.33 34.70
N LEU B 297 -5.12 2.85 35.57
CA LEU B 297 -5.35 1.66 36.39
C LEU B 297 -6.47 1.94 37.40
N ARG B 298 -6.46 3.14 38.01
CA ARG B 298 -7.46 3.57 38.99
C ARG B 298 -8.83 3.83 38.33
N ILE B 299 -8.86 4.17 37.02
CA ILE B 299 -10.11 4.42 36.28
C ILE B 299 -10.76 3.08 35.92
N TRP B 300 -9.98 2.15 35.33
CA TRP B 300 -10.45 0.83 34.90
C TRP B 300 -10.95 -0.03 36.07
N VAL B 301 -10.36 0.13 37.28
CA VAL B 301 -10.80 -0.62 38.47
C VAL B 301 -12.17 -0.11 38.94
N LEU B 302 -12.47 1.20 38.74
CA LEU B 302 -13.77 1.78 39.11
C LEU B 302 -14.86 1.30 38.16
N VAL B 303 -14.55 1.21 36.85
CA VAL B 303 -15.48 0.73 35.82
C VAL B 303 -15.74 -0.78 36.05
N LEU B 304 -14.70 -1.53 36.44
CA LEU B 304 -14.77 -2.96 36.76
C LEU B 304 -15.63 -3.21 38.01
N GLN B 305 -15.46 -2.38 39.06
CA GLN B 305 -16.22 -2.50 40.31
C GLN B 305 -17.61 -1.79 40.22
N ALA B 306 -18.01 -1.38 38.99
CA ALA B 306 -19.31 -0.75 38.75
C ALA B 306 -19.85 -1.12 37.36
N ARG B 307 -19.86 -2.44 37.07
CA ARG B 307 -20.34 -2.99 35.81
C ARG B 307 -21.72 -3.62 35.98
N LEU B 362 -24.46 4.76 32.08
CA LEU B 362 -24.15 3.68 31.14
C LEU B 362 -22.64 3.53 30.92
N LYS B 363 -22.18 2.28 30.67
CA LYS B 363 -20.77 1.96 30.44
C LYS B 363 -20.21 2.62 29.14
N PRO B 364 -20.90 2.65 27.96
CA PRO B 364 -20.29 3.30 26.78
C PRO B 364 -20.23 4.84 26.87
N SER B 365 -21.21 5.48 27.56
CA SER B 365 -21.26 6.93 27.75
C SER B 365 -20.19 7.38 28.76
N ASP B 366 -19.90 6.54 29.78
CA ASP B 366 -18.88 6.78 30.80
C ASP B 366 -17.48 6.58 30.22
N LEU B 367 -17.31 5.54 29.37
CA LEU B 367 -16.06 5.22 28.71
C LEU B 367 -15.66 6.32 27.72
N ARG B 368 -16.67 6.93 27.05
CA ARG B 368 -16.52 8.01 26.06
C ARG B 368 -15.56 9.13 26.50
N SER B 369 -15.50 9.41 27.81
CA SER B 369 -14.65 10.46 28.39
C SER B 369 -13.15 10.09 28.39
N PHE B 370 -12.79 8.82 28.67
CA PHE B 370 -11.38 8.45 28.79
C PHE B 370 -10.88 7.35 27.83
N LEU B 371 -11.72 6.37 27.43
CA LEU B 371 -11.34 5.22 26.56
C LEU B 371 -10.61 5.68 25.29
N THR B 372 -11.14 6.72 24.62
CA THR B 372 -10.60 7.30 23.39
C THR B 372 -9.17 7.87 23.60
N MET B 373 -8.78 8.14 24.87
CA MET B 373 -7.48 8.68 25.27
C MET B 373 -6.56 7.60 25.82
N PHE B 374 -7.13 6.49 26.34
CA PHE B 374 -6.38 5.34 26.85
C PHE B 374 -5.71 4.61 25.69
N VAL B 375 -6.49 4.34 24.62
CA VAL B 375 -6.05 3.67 23.39
C VAL B 375 -4.86 4.42 22.79
N VAL B 376 -4.97 5.78 22.73
CA VAL B 376 -3.94 6.72 22.23
C VAL B 376 -2.59 6.47 22.95
N PHE B 377 -2.62 6.40 24.31
CA PHE B 377 -1.44 6.15 25.15
C PHE B 377 -0.84 4.76 24.88
N VAL B 378 -1.68 3.72 24.82
CA VAL B 378 -1.27 2.33 24.59
C VAL B 378 -0.55 2.24 23.24
N ILE B 379 -1.12 2.89 22.20
CA ILE B 379 -0.57 2.96 20.84
C ILE B 379 0.80 3.66 20.88
N PHE B 380 0.90 4.80 21.61
CA PHE B 380 2.14 5.56 21.77
C PHE B 380 3.21 4.70 22.47
N ALA B 381 2.81 3.94 23.51
CA ALA B 381 3.71 3.07 24.27
C ALA B 381 4.31 1.99 23.38
N ILE B 382 3.47 1.26 22.60
CA ILE B 382 3.89 0.20 21.67
C ILE B 382 4.89 0.78 20.63
N CYS B 383 4.56 1.95 20.06
CA CYS B 383 5.35 2.63 19.03
C CYS B 383 6.75 3.05 19.50
N PHE B 384 6.89 3.54 20.74
CA PHE B 384 8.17 4.03 21.25
C PHE B 384 8.86 3.11 22.26
N ALA B 385 8.25 1.95 22.60
CA ALA B 385 8.84 1.00 23.54
C ALA B 385 10.17 0.40 23.03
N PRO B 386 10.31 -0.09 21.76
CA PRO B 386 11.59 -0.68 21.36
C PRO B 386 12.76 0.30 21.32
N LEU B 387 12.55 1.53 20.81
CA LEU B 387 13.61 2.54 20.69
C LEU B 387 14.16 2.95 22.04
N ASN B 388 13.29 3.08 23.05
CA ASN B 388 13.71 3.44 24.40
C ASN B 388 14.46 2.26 25.05
N CYS B 389 14.16 1.00 24.64
CA CYS B 389 14.84 -0.21 25.12
C CYS B 389 16.27 -0.25 24.54
N ILE B 390 16.42 0.16 23.27
CA ILE B 390 17.70 0.22 22.55
C ILE B 390 18.59 1.28 23.21
N GLY B 391 18.02 2.45 23.49
CA GLY B 391 18.69 3.56 24.16
C GLY B 391 19.09 3.24 25.59
N LEU B 392 18.32 2.34 26.24
CA LEU B 392 18.55 1.88 27.61
C LEU B 392 19.78 0.96 27.63
N ALA B 393 19.90 0.05 26.64
CA ALA B 393 21.01 -0.89 26.49
C ALA B 393 22.34 -0.14 26.29
N VAL B 394 22.31 0.93 25.48
CA VAL B 394 23.46 1.79 25.17
C VAL B 394 23.84 2.61 26.43
N ALA B 395 22.85 3.06 27.21
CA ALA B 395 23.06 3.83 28.44
C ALA B 395 23.79 3.04 29.52
N ILE B 396 23.59 1.70 29.56
CA ILE B 396 24.22 0.79 30.52
C ILE B 396 25.71 0.61 30.13
N ASN B 397 25.99 -0.10 29.02
CA ASN B 397 27.37 -0.35 28.55
C ASN B 397 27.41 -0.44 27.02
N PRO B 398 27.83 0.65 26.31
CA PRO B 398 27.86 0.59 24.84
C PRO B 398 29.15 -0.01 24.27
N GLN B 399 30.10 -0.42 25.15
CA GLN B 399 31.39 -1.02 24.77
C GLN B 399 31.20 -2.41 24.13
N GLU B 400 30.10 -3.10 24.47
CA GLU B 400 29.80 -4.44 23.97
C GLU B 400 28.34 -4.57 23.48
N MET B 401 27.38 -3.82 24.06
CA MET B 401 25.96 -3.89 23.69
C MET B 401 25.64 -3.13 22.40
N ALA B 402 26.22 -1.92 22.21
CA ALA B 402 25.99 -1.08 21.02
C ALA B 402 26.38 -1.79 19.69
N PRO B 403 27.57 -2.43 19.53
CA PRO B 403 27.85 -3.12 18.25
C PRO B 403 27.05 -4.41 18.09
N GLN B 404 26.57 -4.99 19.21
CA GLN B 404 25.79 -6.22 19.24
C GLN B 404 24.32 -5.99 18.84
N ILE B 405 23.83 -4.73 18.90
CA ILE B 405 22.44 -4.38 18.52
C ILE B 405 22.34 -4.42 16.97
N PRO B 406 21.47 -5.29 16.41
CA PRO B 406 21.38 -5.39 14.95
C PRO B 406 20.86 -4.11 14.28
N GLU B 407 21.37 -3.81 13.07
CA GLU B 407 20.98 -2.65 12.28
C GLU B 407 19.53 -2.78 11.78
N GLY B 408 19.11 -4.02 11.49
CA GLY B 408 17.77 -4.34 11.04
C GLY B 408 16.71 -4.04 12.08
N LEU B 409 17.01 -4.41 13.35
CA LEU B 409 16.13 -4.19 14.52
C LEU B 409 15.98 -2.70 14.81
N PHE B 410 17.05 -1.90 14.60
CA PHE B 410 17.07 -0.45 14.82
C PHE B 410 16.11 0.25 13.86
N VAL B 411 16.17 -0.11 12.56
CA VAL B 411 15.34 0.47 11.50
C VAL B 411 13.86 0.08 11.75
N THR B 412 13.60 -1.20 12.09
CA THR B 412 12.26 -1.75 12.40
C THR B 412 11.66 -0.98 13.59
N SER B 413 12.50 -0.64 14.59
CA SER B 413 12.12 0.12 15.77
C SER B 413 11.80 1.58 15.40
N TYR B 414 12.64 2.19 14.52
CA TYR B 414 12.47 3.57 14.07
C TYR B 414 11.28 3.73 13.13
N LEU B 415 10.89 2.64 12.42
CA LEU B 415 9.75 2.63 11.49
C LEU B 415 8.44 2.82 12.27
N LEU B 416 8.30 2.14 13.44
CA LEU B 416 7.15 2.24 14.35
C LEU B 416 7.05 3.63 14.97
N ALA B 417 8.20 4.21 15.37
CA ALA B 417 8.33 5.53 15.99
C ALA B 417 7.80 6.63 15.08
N TYR B 418 8.06 6.52 13.76
CA TYR B 418 7.60 7.48 12.77
C TYR B 418 6.12 7.31 12.47
N PHE B 419 5.67 6.04 12.32
CA PHE B 419 4.30 5.64 12.00
C PHE B 419 3.24 6.17 13.00
N ASN B 420 3.64 6.42 14.27
CA ASN B 420 2.79 6.92 15.35
C ASN B 420 2.15 8.29 15.03
N SER B 421 2.84 9.11 14.23
CA SER B 421 2.45 10.47 13.84
C SER B 421 1.13 10.56 13.03
N CYS B 422 0.62 9.43 12.45
CA CYS B 422 -0.62 9.43 11.66
C CYS B 422 -1.77 8.59 12.30
N LEU B 423 -1.44 7.76 13.31
CA LEU B 423 -2.33 6.82 13.99
C LEU B 423 -3.40 7.46 14.88
N ASN B 424 -3.14 8.65 15.46
CA ASN B 424 -4.07 9.33 16.37
C ASN B 424 -5.46 9.61 15.74
N PRO B 425 -5.63 10.28 14.57
CA PRO B 425 -6.98 10.52 14.05
C PRO B 425 -7.70 9.24 13.60
N ILE B 426 -6.94 8.16 13.32
CA ILE B 426 -7.47 6.86 12.92
C ILE B 426 -8.23 6.27 14.11
N VAL B 427 -7.65 6.31 15.34
CA VAL B 427 -8.32 5.77 16.53
C VAL B 427 -9.50 6.67 16.97
N TYR B 428 -9.46 7.98 16.64
CA TYR B 428 -10.55 8.91 16.94
C TYR B 428 -11.79 8.52 16.12
N GLY B 429 -11.58 8.22 14.84
CA GLY B 429 -12.63 7.81 13.90
C GLY B 429 -13.22 6.44 14.16
N LEU B 430 -12.38 5.47 14.55
CA LEU B 430 -12.80 4.09 14.83
C LEU B 430 -13.51 3.93 16.17
N LEU B 431 -13.08 4.68 17.20
CA LEU B 431 -13.65 4.53 18.54
C LEU B 431 -14.69 5.61 18.89
N ASP B 432 -14.39 6.90 18.62
CA ASP B 432 -15.33 7.98 18.95
C ASP B 432 -16.32 8.22 17.79
N GLN B 433 -17.61 7.98 18.09
CA GLN B 433 -18.75 8.13 17.20
C GLN B 433 -18.95 9.59 16.75
N ASN B 434 -18.76 10.54 17.70
CA ASN B 434 -18.90 11.98 17.46
C ASN B 434 -17.80 12.48 16.52
N PHE B 435 -16.56 11.94 16.66
CA PHE B 435 -15.43 12.29 15.81
C PHE B 435 -15.70 11.76 14.40
N ARG B 436 -16.21 10.51 14.30
CA ARG B 436 -16.57 9.82 13.06
C ARG B 436 -17.59 10.66 12.26
N ARG B 437 -18.61 11.21 12.97
CA ARG B 437 -19.67 12.06 12.41
C ARG B 437 -19.06 13.35 11.86
N GLU B 438 -18.18 13.99 12.65
CA GLU B 438 -17.50 15.24 12.29
C GLU B 438 -16.53 15.05 11.11
N TYR B 439 -15.91 13.85 11.00
CA TYR B 439 -15.01 13.54 9.89
C TYR B 439 -15.77 13.53 8.57
N LYS B 440 -16.97 12.91 8.57
CA LYS B 440 -17.87 12.81 7.42
C LYS B 440 -18.40 14.20 7.03
N ARG B 441 -18.68 15.08 8.01
CA ARG B 441 -19.20 16.43 7.79
C ARG B 441 -18.29 17.30 6.90
N ILE B 442 -16.95 17.22 7.10
CA ILE B 442 -15.96 18.01 6.37
C ILE B 442 -15.73 17.43 4.95
N LEU B 443 -15.67 16.09 4.83
CA LEU B 443 -15.43 15.41 3.55
C LEU B 443 -16.62 15.57 2.58
N LEU B 444 -17.87 15.48 3.10
CA LEU B 444 -19.10 15.62 2.31
C LEU B 444 -19.27 17.05 1.79
N ALA B 445 -18.88 18.04 2.62
CA ALA B 445 -18.96 19.47 2.29
C ALA B 445 -17.96 19.85 1.19
N LEU B 446 -16.75 19.25 1.22
CA LEU B 446 -15.68 19.47 0.24
C LEU B 446 -16.07 18.93 -1.13
N TRP B 447 -16.85 17.83 -1.16
CA TRP B 447 -17.35 17.19 -2.37
C TRP B 447 -18.57 17.95 -2.91
N ASN B 448 -19.48 18.39 -2.00
CA ASN B 448 -20.70 19.14 -2.35
C ASN B 448 -20.56 20.61 -1.96
C4 JEY C . -15.51 -1.58 -11.80
C3 JEY C . -16.90 -1.05 -12.11
C2 JEY C . -17.80 0.73 -13.54
O2 JEY C . -18.97 0.36 -13.48
C1 JEY C . -17.44 1.95 -14.34
O1 JEY C . -15.42 0.96 -6.92
N1 JEY C . -16.76 0.13 -12.94
C10 JEY C . -15.45 -0.32 -7.39
C11 JEY C . -15.48 -0.56 -8.77
C12 JEY C . -15.58 -1.86 -9.26
C13 JEY C . -14.12 1.56 -6.89
C14 JEY C . -15.22 -6.10 -11.22
C15 JEY C . -15.18 -7.10 -12.20
C16 JEY C . -15.65 -6.82 -13.49
C17 JEY C . -16.16 -5.56 -13.79
C18 JEY C . -16.21 -4.58 -12.80
C19 JEY C . -15.73 -4.82 -11.50
N2 JEY C . -15.75 -4.11 -9.10
C5 JEY C . -15.58 -2.40 -10.55
C6 JEY C . -15.73 -3.80 -10.44
C7 JEY C . -15.68 -2.94 -8.36
C8 JEY C . -15.68 -2.71 -6.98
C9 JEY C . -15.57 -1.39 -6.51
ZN ZN D . 31.69 -5.79 -38.26
C4 JEY E . 13.73 10.33 20.71
C3 JEY E . 14.91 9.38 20.71
C2 JEY E . 15.69 7.52 22.08
O2 JEY E . 16.66 7.26 21.37
C1 JEY E . 15.40 6.71 23.31
O1 JEY E . 16.74 14.48 22.74
N1 JEY E . 14.82 8.49 21.84
C10 JEY E . 16.09 14.17 21.57
C11 JEY E . 15.41 12.95 21.44
C12 JEY E . 14.79 12.60 20.23
C13 JEY E . 15.91 15.12 23.74
C14 JEY E . 12.09 11.39 16.60
C15 JEY E . 11.26 10.62 15.77
C16 JEY E . 11.17 9.24 15.97
C17 JEY E . 11.91 8.64 16.99
C18 JEY E . 12.76 9.42 17.80
C19 JEY E . 12.84 10.81 17.62
N2 JEY E . 14.18 12.89 18.07
C5 JEY E . 14.04 11.50 19.82
C6 JEY E . 13.70 11.67 18.48
C7 JEY E . 14.87 13.46 19.12
C8 JEY E . 15.57 14.67 19.24
C9 JEY E . 16.19 15.02 20.45
#